data_2EQ2
#
_entry.id   2EQ2
#
loop_
_entity.id
_entity.type
_entity.pdbx_description
1 polymer 'Zinc finger protein 347'
2 non-polymer 'ZINC ION'
#
_entity_poly.entity_id   1
_entity_poly.type   'polypeptide(L)'
_entity_poly.pdbx_seq_one_letter_code
;GSSGSSGTGGKPYQCNECGKAFSQTSKLARHQRVHTGEKPSGPSSG
;
_entity_poly.pdbx_strand_id   A
#
loop_
_chem_comp.id
_chem_comp.type
_chem_comp.name
_chem_comp.formula
ZN non-polymer 'ZINC ION' 'Zn 2'
#
# COMPACT_ATOMS: atom_id res chain seq x y z
N GLY A 1 1.75 -25.71 -15.94
CA GLY A 1 2.23 -25.15 -14.70
C GLY A 1 3.45 -24.28 -14.87
N SER A 2 3.27 -22.97 -14.69
CA SER A 2 4.36 -22.02 -14.84
C SER A 2 4.99 -21.69 -13.49
N SER A 3 6.32 -21.54 -13.48
CA SER A 3 7.03 -21.23 -12.25
C SER A 3 7.44 -19.75 -12.22
N GLY A 4 6.58 -18.92 -11.65
CA GLY A 4 6.87 -17.50 -11.55
C GLY A 4 6.49 -16.91 -10.21
N SER A 5 6.80 -15.63 -10.02
CA SER A 5 6.49 -14.95 -8.77
C SER A 5 5.73 -13.65 -9.03
N SER A 6 4.50 -13.59 -8.53
CA SER A 6 3.67 -12.40 -8.70
C SER A 6 3.35 -11.75 -7.36
N GLY A 7 2.88 -12.55 -6.41
CA GLY A 7 2.55 -12.03 -5.11
C GLY A 7 2.86 -13.02 -3.99
N THR A 8 4.06 -13.58 -4.03
CA THR A 8 4.48 -14.55 -3.02
C THR A 8 5.62 -13.99 -2.17
N GLY A 9 5.52 -12.72 -1.80
CA GLY A 9 6.55 -12.10 -0.98
C GLY A 9 7.32 -11.04 -1.75
N GLY A 10 7.53 -9.88 -1.11
CA GLY A 10 8.26 -8.81 -1.75
C GLY A 10 7.91 -7.45 -1.16
N LYS A 11 6.72 -6.95 -1.49
CA LYS A 11 6.28 -5.66 -0.99
C LYS A 11 4.94 -5.78 -0.25
N PRO A 12 4.99 -6.37 0.95
CA PRO A 12 3.80 -6.57 1.79
C PRO A 12 3.26 -5.26 2.34
N TYR A 13 4.15 -4.39 2.80
CA TYR A 13 3.76 -3.11 3.35
C TYR A 13 4.25 -1.96 2.46
N GLN A 14 5.35 -2.20 1.76
CA GLN A 14 5.92 -1.19 0.87
C GLN A 14 4.87 -0.63 -0.08
N CYS A 15 4.77 0.69 -0.14
CA CYS A 15 3.80 1.35 -1.01
C CYS A 15 3.94 0.85 -2.45
N ASN A 16 2.82 0.44 -3.03
CA ASN A 16 2.81 -0.07 -4.40
C ASN A 16 2.27 0.99 -5.36
N GLU A 17 1.43 1.88 -4.84
CA GLU A 17 0.84 2.94 -5.66
C GLU A 17 1.91 3.71 -6.41
N CYS A 18 2.89 4.23 -5.67
CA CYS A 18 3.99 4.99 -6.27
C CYS A 18 5.28 4.18 -6.26
N GLY A 19 5.40 3.27 -5.30
CA GLY A 19 6.59 2.44 -5.20
C GLY A 19 7.63 3.04 -4.27
N LYS A 20 7.20 3.39 -3.07
CA LYS A 20 8.10 3.97 -2.08
C LYS A 20 8.12 3.14 -0.80
N ALA A 21 9.31 2.89 -0.28
CA ALA A 21 9.46 2.11 0.94
C ALA A 21 9.97 2.97 2.09
N PHE A 22 9.70 2.55 3.31
CA PHE A 22 10.13 3.28 4.49
C PHE A 22 10.75 2.35 5.52
N SER A 23 11.69 2.88 6.30
CA SER A 23 12.38 2.08 7.32
C SER A 23 11.37 1.44 8.27
N GLN A 24 10.40 2.23 8.73
CA GLN A 24 9.38 1.75 9.64
C GLN A 24 7.98 1.95 9.05
N THR A 25 7.07 1.03 9.36
CA THR A 25 5.71 1.10 8.86
C THR A 25 5.01 2.36 9.38
N SER A 26 5.46 2.86 10.52
CA SER A 26 4.88 4.05 11.12
C SER A 26 4.83 5.19 10.11
N LYS A 27 6.00 5.62 9.64
CA LYS A 27 6.09 6.71 8.68
C LYS A 27 5.37 6.34 7.39
N LEU A 28 5.36 5.06 7.06
CA LEU A 28 4.69 4.58 5.85
C LEU A 28 3.19 4.82 5.93
N ALA A 29 2.62 4.61 7.11
CA ALA A 29 1.19 4.80 7.32
C ALA A 29 0.77 6.21 6.90
N ARG A 30 1.59 7.19 7.25
CA ARG A 30 1.29 8.58 6.92
C ARG A 30 1.49 8.84 5.43
N HIS A 31 2.46 8.15 4.83
CA HIS A 31 2.75 8.30 3.41
C HIS A 31 1.53 7.96 2.57
N GLN A 32 0.75 6.99 3.03
CA GLN A 32 -0.45 6.55 2.32
C GLN A 32 -1.41 7.72 2.13
N ARG A 33 -1.29 8.74 2.97
CA ARG A 33 -2.15 9.91 2.89
C ARG A 33 -2.16 10.48 1.48
N VAL A 34 -0.98 10.61 0.89
CA VAL A 34 -0.85 11.14 -0.46
C VAL A 34 -1.78 10.42 -1.43
N HIS A 35 -2.04 9.15 -1.15
CA HIS A 35 -2.91 8.33 -1.99
C HIS A 35 -4.31 8.26 -1.41
N THR A 36 -4.78 9.37 -0.85
CA THR A 36 -6.11 9.43 -0.25
C THR A 36 -7.19 9.31 -1.31
N GLY A 37 -8.27 8.59 -0.97
CA GLY A 37 -9.37 8.41 -1.90
C GLY A 37 -10.40 7.42 -1.41
N GLU A 38 -11.59 7.46 -1.99
CA GLU A 38 -12.67 6.56 -1.60
C GLU A 38 -12.50 5.19 -2.25
N LYS A 39 -13.23 4.21 -1.74
CA LYS A 39 -13.16 2.85 -2.28
C LYS A 39 -14.21 1.95 -1.61
N PRO A 40 -15.48 2.20 -1.95
CA PRO A 40 -16.60 1.42 -1.40
C PRO A 40 -16.63 -0.01 -1.94
N SER A 41 -16.90 -0.96 -1.05
CA SER A 41 -16.96 -2.37 -1.44
C SER A 41 -17.58 -3.20 -0.32
N GLY A 42 -18.54 -4.04 -0.69
CA GLY A 42 -19.20 -4.90 0.28
C GLY A 42 -18.45 -6.19 0.52
N PRO A 43 -18.96 -7.00 1.47
CA PRO A 43 -18.35 -8.29 1.82
C PRO A 43 -18.50 -9.32 0.71
N SER A 44 -17.39 -9.91 0.30
CA SER A 44 -17.40 -10.92 -0.75
C SER A 44 -16.36 -12.00 -0.48
N SER A 45 -16.81 -13.26 -0.50
CA SER A 45 -15.91 -14.39 -0.26
C SER A 45 -16.07 -15.45 -1.35
N GLY A 46 -14.95 -15.80 -1.97
CA GLY A 46 -14.98 -16.80 -3.03
C GLY A 46 -14.16 -16.39 -4.24
ZN ZN B . 3.24 6.06 -2.21
N GLY A 1 -4.76 -28.02 -10.86
CA GLY A 1 -4.18 -26.74 -11.21
C GLY A 1 -4.59 -25.63 -10.27
N SER A 2 -3.97 -24.47 -10.42
CA SER A 2 -4.27 -23.33 -9.56
C SER A 2 -3.57 -22.07 -10.07
N SER A 3 -4.02 -20.91 -9.60
CA SER A 3 -3.43 -19.64 -10.00
C SER A 3 -3.84 -18.52 -9.04
N GLY A 4 -2.83 -17.90 -8.43
CA GLY A 4 -3.11 -16.82 -7.49
C GLY A 4 -2.93 -17.26 -6.05
N SER A 5 -1.82 -17.94 -5.77
CA SER A 5 -1.54 -18.42 -4.42
C SER A 5 -0.75 -17.38 -3.63
N SER A 6 -1.06 -17.27 -2.34
CA SER A 6 -0.38 -16.32 -1.47
C SER A 6 0.77 -16.99 -0.72
N GLY A 7 1.96 -16.42 -0.87
CA GLY A 7 3.13 -16.98 -0.20
C GLY A 7 4.43 -16.57 -0.87
N THR A 8 4.56 -15.28 -1.17
CA THR A 8 5.76 -14.77 -1.81
C THR A 8 6.10 -13.37 -1.31
N GLY A 9 7.18 -13.27 -0.54
CA GLY A 9 7.60 -11.99 -0.01
C GLY A 9 7.85 -10.97 -1.09
N GLY A 10 8.17 -9.74 -0.68
CA GLY A 10 8.43 -8.68 -1.64
C GLY A 10 8.02 -7.31 -1.12
N LYS A 11 6.84 -6.86 -1.52
CA LYS A 11 6.33 -5.56 -1.08
C LYS A 11 5.01 -5.72 -0.36
N PRO A 12 5.05 -6.28 0.86
CA PRO A 12 3.86 -6.50 1.68
C PRO A 12 3.28 -5.19 2.22
N TYR A 13 4.17 -4.32 2.71
CA TYR A 13 3.74 -3.03 3.26
C TYR A 13 4.24 -1.89 2.38
N GLN A 14 5.36 -2.11 1.71
CA GLN A 14 5.94 -1.10 0.83
C GLN A 14 4.91 -0.56 -0.14
N CYS A 15 4.76 0.76 -0.17
CA CYS A 15 3.80 1.41 -1.06
C CYS A 15 3.99 0.94 -2.49
N ASN A 16 2.97 0.30 -3.05
CA ASN A 16 3.01 -0.20 -4.42
C ASN A 16 2.38 0.79 -5.39
N GLU A 17 1.48 1.62 -4.87
CA GLU A 17 0.80 2.61 -5.69
C GLU A 17 1.81 3.46 -6.46
N CYS A 18 2.83 3.93 -5.77
CA CYS A 18 3.87 4.75 -6.38
C CYS A 18 5.22 4.04 -6.34
N GLY A 19 5.40 3.17 -5.35
CA GLY A 19 6.65 2.44 -5.21
C GLY A 19 7.57 3.06 -4.18
N LYS A 20 7.00 3.57 -3.10
CA LYS A 20 7.77 4.19 -2.04
C LYS A 20 7.92 3.25 -0.84
N ALA A 21 9.12 3.21 -0.29
CA ALA A 21 9.39 2.35 0.87
C ALA A 21 9.92 3.16 2.05
N PHE A 22 9.86 2.57 3.24
CA PHE A 22 10.33 3.24 4.45
C PHE A 22 10.93 2.24 5.42
N SER A 23 11.57 2.76 6.47
CA SER A 23 12.20 1.91 7.48
C SER A 23 11.13 1.25 8.36
N GLN A 24 10.17 2.05 8.81
CA GLN A 24 9.10 1.54 9.67
C GLN A 24 7.74 1.83 9.06
N THR A 25 6.77 0.97 9.34
CA THR A 25 5.42 1.13 8.81
C THR A 25 4.75 2.38 9.39
N SER A 26 5.20 2.78 10.57
CA SER A 26 4.64 3.95 11.24
C SER A 26 4.67 5.17 10.31
N LYS A 27 5.82 5.42 9.72
CA LYS A 27 5.99 6.55 8.80
C LYS A 27 5.27 6.29 7.49
N LEU A 28 5.20 5.02 7.09
CA LEU A 28 4.54 4.63 5.85
C LEU A 28 3.07 5.02 5.88
N ALA A 29 2.43 4.84 7.03
CA ALA A 29 1.02 5.18 7.18
C ALA A 29 0.77 6.63 6.82
N ARG A 30 1.75 7.48 7.07
CA ARG A 30 1.63 8.90 6.78
C ARG A 30 1.83 9.18 5.30
N HIS A 31 2.59 8.29 4.63
CA HIS A 31 2.87 8.43 3.21
C HIS A 31 1.63 8.10 2.38
N GLN A 32 0.85 7.13 2.84
CA GLN A 32 -0.35 6.72 2.15
C GLN A 32 -1.31 7.89 1.98
N ARG A 33 -1.17 8.89 2.84
CA ARG A 33 -2.03 10.07 2.79
C ARG A 33 -2.05 10.67 1.39
N VAL A 34 -0.88 10.76 0.76
CA VAL A 34 -0.77 11.30 -0.58
C VAL A 34 -1.74 10.61 -1.54
N HIS A 35 -2.01 9.33 -1.27
CA HIS A 35 -2.92 8.57 -2.10
C HIS A 35 -4.33 8.55 -1.51
N THR A 36 -4.49 7.87 -0.38
CA THR A 36 -5.78 7.78 0.28
C THR A 36 -5.99 8.94 1.24
N GLY A 37 -7.25 9.28 1.49
CA GLY A 37 -7.56 10.38 2.40
C GLY A 37 -7.89 11.66 1.66
N GLU A 38 -8.45 11.53 0.46
CA GLU A 38 -8.81 12.69 -0.34
C GLU A 38 -10.21 13.17 -0.01
N LYS A 39 -10.46 14.46 -0.24
CA LYS A 39 -11.77 15.04 0.04
C LYS A 39 -11.85 16.47 -0.48
N PRO A 40 -11.83 16.62 -1.81
CA PRO A 40 -11.90 17.94 -2.47
C PRO A 40 -13.26 18.59 -2.31
N SER A 41 -14.32 17.81 -2.53
CA SER A 41 -15.68 18.32 -2.42
C SER A 41 -16.42 17.62 -1.28
N GLY A 42 -16.71 16.34 -1.47
CA GLY A 42 -17.41 15.58 -0.45
C GLY A 42 -18.92 15.74 -0.55
N PRO A 43 -19.52 15.11 -1.57
CA PRO A 43 -20.97 15.17 -1.80
C PRO A 43 -21.75 14.41 -0.73
N SER A 44 -21.10 13.45 -0.09
CA SER A 44 -21.74 12.65 0.95
C SER A 44 -21.24 13.06 2.34
N SER A 45 -21.67 14.24 2.77
CA SER A 45 -21.27 14.75 4.07
C SER A 45 -21.82 13.87 5.19
N GLY A 46 -23.12 13.63 5.16
CA GLY A 46 -23.74 12.80 6.18
C GLY A 46 -25.09 12.27 5.75
ZN ZN B . 3.16 6.10 -2.27
N GLY A 1 0.69 -9.77 -6.18
CA GLY A 1 -0.46 -9.85 -5.31
C GLY A 1 -0.66 -11.24 -4.73
N SER A 2 0.44 -11.98 -4.59
CA SER A 2 0.40 -13.33 -4.05
C SER A 2 1.80 -13.85 -3.76
N SER A 3 1.90 -14.72 -2.76
CA SER A 3 3.18 -15.28 -2.38
C SER A 3 3.15 -16.81 -2.45
N GLY A 4 3.61 -17.35 -3.57
CA GLY A 4 3.62 -18.79 -3.74
C GLY A 4 4.87 -19.29 -4.45
N SER A 5 6.02 -18.73 -4.08
CA SER A 5 7.28 -19.11 -4.69
C SER A 5 8.46 -18.72 -3.79
N SER A 6 9.57 -19.42 -3.95
CA SER A 6 10.77 -19.15 -3.15
C SER A 6 11.24 -17.71 -3.35
N GLY A 7 11.60 -17.07 -2.24
CA GLY A 7 12.07 -15.69 -2.30
C GLY A 7 11.95 -14.98 -0.97
N THR A 8 13.09 -14.54 -0.44
CA THR A 8 13.12 -13.85 0.84
C THR A 8 13.07 -12.33 0.64
N GLY A 9 11.87 -11.82 0.40
CA GLY A 9 11.71 -10.39 0.19
C GLY A 9 10.42 -10.04 -0.53
N GLY A 10 10.31 -8.80 -0.99
CA GLY A 10 9.11 -8.37 -1.69
C GLY A 10 8.62 -7.01 -1.21
N LYS A 11 7.33 -6.77 -1.39
CA LYS A 11 6.73 -5.50 -0.99
C LYS A 11 5.38 -5.73 -0.32
N PRO A 12 5.40 -6.32 0.89
CA PRO A 12 4.19 -6.60 1.65
C PRO A 12 3.53 -5.33 2.18
N TYR A 13 4.33 -4.46 2.78
CA TYR A 13 3.82 -3.21 3.32
C TYR A 13 4.27 -2.01 2.48
N GLN A 14 5.41 -2.16 1.82
CA GLN A 14 5.94 -1.10 0.97
C GLN A 14 4.89 -0.62 -0.03
N CYS A 15 4.71 0.69 -0.09
CA CYS A 15 3.73 1.28 -1.01
C CYS A 15 3.95 0.76 -2.43
N ASN A 16 2.87 0.32 -3.06
CA ASN A 16 2.93 -0.20 -4.42
C ASN A 16 2.34 0.80 -5.41
N GLU A 17 1.42 1.63 -4.92
CA GLU A 17 0.78 2.63 -5.77
C GLU A 17 1.82 3.47 -6.51
N CYS A 18 2.81 3.96 -5.77
CA CYS A 18 3.86 4.77 -6.35
C CYS A 18 5.21 4.05 -6.28
N GLY A 19 5.36 3.17 -5.30
CA GLY A 19 6.59 2.44 -5.13
C GLY A 19 7.51 3.06 -4.10
N LYS A 20 6.93 3.52 -3.00
CA LYS A 20 7.70 4.14 -1.92
C LYS A 20 7.86 3.19 -0.75
N ALA A 21 9.07 3.14 -0.19
CA ALA A 21 9.35 2.28 0.94
C ALA A 21 9.91 3.08 2.12
N PHE A 22 9.80 2.51 3.32
CA PHE A 22 10.28 3.17 4.52
C PHE A 22 10.92 2.16 5.47
N SER A 23 11.67 2.67 6.45
CA SER A 23 12.34 1.82 7.42
C SER A 23 11.34 1.24 8.41
N GLN A 24 10.25 1.96 8.64
CA GLN A 24 9.22 1.52 9.57
C GLN A 24 7.83 1.79 9.00
N THR A 25 6.87 0.92 9.34
CA THR A 25 5.51 1.07 8.87
C THR A 25 4.87 2.37 9.38
N SER A 26 5.38 2.84 10.52
CA SER A 26 4.87 4.07 11.13
C SER A 26 4.86 5.21 10.11
N LYS A 27 6.02 5.49 9.52
CA LYS A 27 6.14 6.56 8.54
C LYS A 27 5.33 6.23 7.28
N LEU A 28 5.29 4.95 6.93
CA LEU A 28 4.54 4.51 5.76
C LEU A 28 3.07 4.88 5.87
N ALA A 29 2.51 4.72 7.07
CA ALA A 29 1.11 5.04 7.32
C ALA A 29 0.79 6.47 6.87
N ARG A 30 1.66 7.41 7.22
CA ARG A 30 1.47 8.81 6.85
C ARG A 30 1.62 8.99 5.35
N HIS A 31 2.52 8.23 4.74
CA HIS A 31 2.74 8.31 3.30
C HIS A 31 1.48 7.97 2.52
N GLN A 32 0.68 7.08 3.08
CA GLN A 32 -0.56 6.66 2.44
C GLN A 32 -1.48 7.85 2.20
N ARG A 33 -1.27 8.91 2.97
CA ARG A 33 -2.08 10.12 2.84
C ARG A 33 -2.12 10.60 1.40
N VAL A 34 -0.95 10.65 0.76
CA VAL A 34 -0.85 11.10 -0.63
C VAL A 34 -1.83 10.33 -1.51
N HIS A 35 -2.11 9.09 -1.14
CA HIS A 35 -3.02 8.25 -1.91
C HIS A 35 -4.41 8.22 -1.26
N THR A 36 -4.84 9.37 -0.74
CA THR A 36 -6.13 9.46 -0.08
C THR A 36 -6.95 10.62 -0.67
N GLY A 37 -8.16 10.30 -1.12
CA GLY A 37 -9.02 11.32 -1.70
C GLY A 37 -10.45 10.82 -1.90
N GLU A 38 -10.77 10.42 -3.11
CA GLU A 38 -12.10 9.92 -3.42
C GLU A 38 -12.15 8.40 -3.36
N LYS A 39 -12.17 7.87 -2.15
CA LYS A 39 -12.21 6.41 -1.95
C LYS A 39 -12.55 6.08 -0.50
N PRO A 40 -13.80 6.37 -0.11
CA PRO A 40 -14.28 6.10 1.26
C PRO A 40 -14.44 4.61 1.53
N SER A 41 -14.87 3.87 0.51
CA SER A 41 -15.07 2.43 0.64
C SER A 41 -13.74 1.72 0.85
N GLY A 42 -13.66 0.92 1.91
CA GLY A 42 -12.44 0.18 2.20
C GLY A 42 -12.35 -0.26 3.65
N PRO A 43 -11.18 -0.75 4.05
CA PRO A 43 -10.94 -1.22 5.42
C PRO A 43 -10.92 -0.07 6.42
N SER A 44 -11.21 -0.39 7.68
CA SER A 44 -11.23 0.62 8.74
C SER A 44 -9.91 0.61 9.51
N SER A 45 -9.19 1.72 9.44
CA SER A 45 -7.91 1.85 10.13
C SER A 45 -8.11 1.97 11.63
N GLY A 46 -7.93 0.86 12.34
CA GLY A 46 -8.10 0.87 13.78
C GLY A 46 -9.53 1.12 14.20
ZN ZN B . 3.05 5.92 -2.32
N GLY A 1 1.10 -26.05 -19.26
CA GLY A 1 2.40 -26.46 -18.77
C GLY A 1 3.02 -25.43 -17.84
N SER A 2 3.94 -25.87 -17.00
CA SER A 2 4.61 -24.98 -16.05
C SER A 2 5.98 -24.55 -16.57
N SER A 3 6.50 -23.47 -16.02
CA SER A 3 7.80 -22.96 -16.42
C SER A 3 8.42 -22.09 -15.33
N GLY A 4 9.71 -21.82 -15.45
CA GLY A 4 10.40 -21.01 -14.46
C GLY A 4 10.63 -19.59 -14.94
N SER A 5 9.56 -18.82 -15.07
CA SER A 5 9.65 -17.45 -15.53
C SER A 5 9.95 -16.51 -14.37
N SER A 6 10.26 -15.25 -14.69
CA SER A 6 10.56 -14.26 -13.67
C SER A 6 9.29 -13.57 -13.18
N GLY A 7 8.92 -13.85 -11.93
CA GLY A 7 7.73 -13.26 -11.35
C GLY A 7 7.83 -13.10 -9.85
N THR A 8 8.49 -12.05 -9.41
CA THR A 8 8.67 -11.78 -7.99
C THR A 8 8.36 -10.33 -7.65
N GLY A 9 7.42 -10.12 -6.73
CA GLY A 9 7.06 -8.77 -6.34
C GLY A 9 6.93 -8.62 -4.83
N GLY A 10 5.97 -9.31 -4.25
CA GLY A 10 5.76 -9.23 -2.81
C GLY A 10 5.16 -7.90 -2.38
N LYS A 11 6.00 -7.03 -1.84
CA LYS A 11 5.54 -5.71 -1.38
C LYS A 11 4.37 -5.85 -0.41
N PRO A 12 4.64 -6.39 0.78
CA PRO A 12 3.63 -6.59 1.82
C PRO A 12 3.15 -5.27 2.42
N TYR A 13 4.11 -4.42 2.78
CA TYR A 13 3.78 -3.12 3.37
C TYR A 13 4.28 -1.99 2.49
N GLN A 14 5.37 -2.22 1.77
CA GLN A 14 5.94 -1.21 0.89
C GLN A 14 4.88 -0.68 -0.07
N CYS A 15 4.76 0.64 -0.14
CA CYS A 15 3.79 1.29 -1.01
C CYS A 15 3.92 0.77 -2.44
N ASN A 16 2.77 0.53 -3.07
CA ASN A 16 2.75 0.03 -4.44
C ASN A 16 2.23 1.09 -5.40
N GLU A 17 1.40 1.99 -4.88
CA GLU A 17 0.83 3.06 -5.68
C GLU A 17 1.92 3.82 -6.44
N CYS A 18 2.96 4.21 -5.72
CA CYS A 18 4.07 4.95 -6.32
C CYS A 18 5.36 4.14 -6.24
N GLY A 19 5.44 3.25 -5.25
CA GLY A 19 6.63 2.43 -5.08
C GLY A 19 7.67 3.09 -4.19
N LYS A 20 7.30 3.37 -2.95
CA LYS A 20 8.20 4.01 -2.00
C LYS A 20 8.23 3.24 -0.68
N ALA A 21 9.44 2.95 -0.20
CA ALA A 21 9.60 2.22 1.05
C ALA A 21 10.06 3.16 2.17
N PHE A 22 9.93 2.71 3.41
CA PHE A 22 10.32 3.51 4.56
C PHE A 22 11.03 2.64 5.60
N SER A 23 11.84 3.28 6.45
CA SER A 23 12.58 2.58 7.48
C SER A 23 11.64 1.80 8.39
N GLN A 24 10.46 2.36 8.63
CA GLN A 24 9.46 1.72 9.49
C GLN A 24 8.05 1.93 8.93
N THR A 25 7.15 1.04 9.29
CA THR A 25 5.76 1.11 8.84
C THR A 25 5.05 2.31 9.45
N SER A 26 5.53 2.75 10.60
CA SER A 26 4.94 3.89 11.29
C SER A 26 4.84 5.09 10.36
N LYS A 27 5.95 5.45 9.74
CA LYS A 27 5.99 6.58 8.82
C LYS A 27 5.27 6.25 7.52
N LEU A 28 5.30 4.98 7.13
CA LEU A 28 4.64 4.53 5.91
C LEU A 28 3.14 4.82 5.96
N ALA A 29 2.54 4.58 7.11
CA ALA A 29 1.11 4.82 7.29
C ALA A 29 0.74 6.25 6.88
N ARG A 30 1.63 7.20 7.19
CA ARG A 30 1.39 8.60 6.86
C ARG A 30 1.56 8.84 5.36
N HIS A 31 2.50 8.13 4.76
CA HIS A 31 2.77 8.26 3.33
C HIS A 31 1.53 7.90 2.51
N GLN A 32 0.75 6.96 3.03
CA GLN A 32 -0.47 6.52 2.34
C GLN A 32 -1.42 7.70 2.11
N ARG A 33 -1.27 8.74 2.92
CA ARG A 33 -2.12 9.92 2.80
C ARG A 33 -2.14 10.44 1.37
N VAL A 34 -0.96 10.55 0.76
CA VAL A 34 -0.85 11.03 -0.61
C VAL A 34 -1.77 10.25 -1.54
N HIS A 35 -2.01 8.99 -1.21
CA HIS A 35 -2.88 8.13 -2.01
C HIS A 35 -4.27 8.04 -1.39
N THR A 36 -4.75 9.15 -0.83
CA THR A 36 -6.06 9.18 -0.21
C THR A 36 -7.16 9.32 -1.25
N GLY A 37 -8.24 8.56 -1.07
CA GLY A 37 -9.36 8.62 -2.00
C GLY A 37 -10.58 9.27 -1.41
N GLU A 38 -11.46 9.78 -2.26
CA GLU A 38 -12.69 10.43 -1.81
C GLU A 38 -13.91 9.56 -2.09
N LYS A 39 -14.23 8.70 -1.13
CA LYS A 39 -15.37 7.80 -1.27
C LYS A 39 -15.66 7.08 0.03
N PRO A 40 -16.15 7.81 1.04
CA PRO A 40 -16.48 7.26 2.35
C PRO A 40 -17.68 6.33 2.31
N SER A 41 -17.43 5.04 2.09
CA SER A 41 -18.51 4.05 2.03
C SER A 41 -18.59 3.26 3.32
N GLY A 42 -19.02 3.92 4.39
CA GLY A 42 -19.14 3.26 5.68
C GLY A 42 -19.33 4.23 6.81
N PRO A 43 -19.66 3.71 8.00
CA PRO A 43 -19.89 4.53 9.20
C PRO A 43 -18.61 5.14 9.73
N SER A 44 -17.47 4.58 9.33
CA SER A 44 -16.17 5.08 9.77
C SER A 44 -16.07 5.04 11.29
N SER A 45 -16.36 3.88 11.86
CA SER A 45 -16.30 3.71 13.32
C SER A 45 -14.85 3.77 13.81
N GLY A 46 -13.97 3.07 13.11
CA GLY A 46 -12.56 3.06 13.48
C GLY A 46 -11.90 4.38 13.25
ZN ZN B . 3.24 5.93 -2.29
N GLY A 1 6.97 -23.86 -17.49
CA GLY A 1 8.26 -23.76 -18.12
C GLY A 1 9.35 -24.44 -17.31
N SER A 2 10.30 -23.64 -16.81
CA SER A 2 11.40 -24.17 -16.02
C SER A 2 12.02 -23.08 -15.14
N SER A 3 11.73 -23.15 -13.85
CA SER A 3 12.24 -22.17 -12.90
C SER A 3 12.61 -22.84 -11.57
N GLY A 4 13.65 -22.32 -10.93
CA GLY A 4 14.09 -22.87 -9.66
C GLY A 4 13.04 -22.74 -8.58
N SER A 5 13.11 -21.67 -7.81
CA SER A 5 12.16 -21.43 -6.73
C SER A 5 11.80 -19.95 -6.62
N SER A 6 10.65 -19.67 -6.03
CA SER A 6 10.20 -18.29 -5.87
C SER A 6 9.38 -18.13 -4.59
N GLY A 7 9.16 -16.88 -4.18
CA GLY A 7 8.38 -16.62 -2.97
C GLY A 7 9.27 -16.33 -1.78
N THR A 8 10.25 -15.46 -1.97
CA THR A 8 11.16 -15.09 -0.89
C THR A 8 10.85 -13.70 -0.35
N GLY A 9 10.26 -12.86 -1.20
CA GLY A 9 9.92 -11.51 -0.79
C GLY A 9 8.91 -10.86 -1.71
N GLY A 10 8.55 -9.62 -1.41
CA GLY A 10 7.58 -8.90 -2.22
C GLY A 10 7.35 -7.49 -1.75
N LYS A 11 6.08 -7.08 -1.70
CA LYS A 11 5.73 -5.74 -1.25
C LYS A 11 4.48 -5.78 -0.37
N PRO A 12 4.64 -6.31 0.86
CA PRO A 12 3.55 -6.42 1.82
C PRO A 12 3.11 -5.05 2.37
N TYR A 13 4.09 -4.24 2.76
CA TYR A 13 3.82 -2.91 3.29
C TYR A 13 4.35 -1.83 2.36
N GLN A 14 5.40 -2.17 1.60
CA GLN A 14 6.00 -1.22 0.67
C GLN A 14 4.95 -0.60 -0.24
N CYS A 15 4.83 0.72 -0.20
CA CYS A 15 3.87 1.43 -1.03
C CYS A 15 4.00 1.03 -2.49
N ASN A 16 2.94 0.45 -3.03
CA ASN A 16 2.94 0.02 -4.43
C ASN A 16 2.37 1.11 -5.34
N GLU A 17 1.51 1.95 -4.77
CA GLU A 17 0.89 3.04 -5.52
C GLU A 17 1.94 3.86 -6.25
N CYS A 18 3.04 4.16 -5.55
CA CYS A 18 4.12 4.95 -6.12
C CYS A 18 5.41 4.14 -6.21
N GLY A 19 5.54 3.16 -5.31
CA GLY A 19 6.73 2.33 -5.29
C GLY A 19 7.78 2.84 -4.33
N LYS A 20 7.34 3.34 -3.17
CA LYS A 20 8.27 3.86 -2.17
C LYS A 20 8.32 2.94 -0.96
N ALA A 21 9.42 3.02 -0.21
CA ALA A 21 9.59 2.21 0.98
C ALA A 21 10.09 3.05 2.15
N PHE A 22 9.80 2.58 3.37
CA PHE A 22 10.22 3.30 4.57
C PHE A 22 10.83 2.34 5.59
N SER A 23 11.85 2.81 6.31
CA SER A 23 12.52 2.00 7.31
C SER A 23 11.53 1.49 8.35
N GLN A 24 10.46 2.24 8.56
CA GLN A 24 9.44 1.88 9.54
C GLN A 24 8.04 2.04 8.95
N THR A 25 7.14 1.13 9.32
CA THR A 25 5.76 1.19 8.83
C THR A 25 5.01 2.38 9.41
N SER A 26 5.46 2.85 10.57
CA SER A 26 4.83 3.98 11.23
C SER A 26 4.75 5.18 10.29
N LYS A 27 5.90 5.58 9.75
CA LYS A 27 5.96 6.72 8.84
C LYS A 27 5.24 6.40 7.54
N LEU A 28 5.28 5.13 7.13
CA LEU A 28 4.63 4.70 5.90
C LEU A 28 3.12 4.97 5.96
N ALA A 29 2.53 4.70 7.12
CA ALA A 29 1.10 4.92 7.30
C ALA A 29 0.70 6.34 6.91
N ARG A 30 1.56 7.30 7.25
CA ARG A 30 1.30 8.70 6.94
C ARG A 30 1.48 8.97 5.45
N HIS A 31 2.43 8.25 4.83
CA HIS A 31 2.71 8.42 3.41
C HIS A 31 1.50 8.00 2.57
N GLN A 32 0.77 7.00 3.07
CA GLN A 32 -0.40 6.50 2.36
C GLN A 32 -1.42 7.61 2.13
N ARG A 33 -1.34 8.65 2.95
CA ARG A 33 -2.26 9.78 2.85
C ARG A 33 -2.30 10.31 1.41
N VAL A 34 -1.12 10.51 0.83
CA VAL A 34 -1.02 11.02 -0.53
C VAL A 34 -1.87 10.20 -1.49
N HIS A 35 -2.04 8.92 -1.18
CA HIS A 35 -2.84 8.03 -2.01
C HIS A 35 -4.22 7.81 -1.41
N THR A 36 -4.78 8.87 -0.83
CA THR A 36 -6.10 8.80 -0.21
C THR A 36 -7.03 9.87 -0.78
N GLY A 37 -7.63 9.57 -1.93
CA GLY A 37 -8.54 10.51 -2.55
C GLY A 37 -9.99 10.11 -2.42
N GLU A 38 -10.77 10.35 -3.47
CA GLU A 38 -12.18 10.00 -3.47
C GLU A 38 -12.43 8.72 -4.25
N LYS A 39 -13.16 7.79 -3.65
CA LYS A 39 -13.47 6.52 -4.28
C LYS A 39 -14.50 5.74 -3.47
N PRO A 40 -15.75 6.23 -3.49
CA PRO A 40 -16.85 5.59 -2.75
C PRO A 40 -17.26 4.26 -3.38
N SER A 41 -17.42 3.24 -2.53
CA SER A 41 -17.81 1.91 -3.01
C SER A 41 -19.32 1.71 -2.88
N GLY A 42 -19.85 2.00 -1.69
CA GLY A 42 -21.27 1.85 -1.45
C GLY A 42 -21.56 1.08 -0.18
N PRO A 43 -22.83 0.67 -0.01
CA PRO A 43 -23.27 -0.09 1.16
C PRO A 43 -22.71 -1.49 1.20
N SER A 44 -21.57 -1.66 1.85
CA SER A 44 -20.92 -2.96 1.95
C SER A 44 -21.76 -3.93 2.78
N SER A 45 -22.55 -4.75 2.09
CA SER A 45 -23.41 -5.71 2.76
C SER A 45 -24.29 -5.03 3.80
N GLY A 46 -24.62 -3.76 3.55
CA GLY A 46 -25.45 -3.02 4.47
C GLY A 46 -26.89 -3.49 4.46
ZN ZN B . 3.29 6.14 -2.03
N GLY A 1 6.20 -14.63 0.83
CA GLY A 1 4.77 -14.61 0.56
C GLY A 1 3.98 -13.99 1.70
N SER A 2 2.93 -13.25 1.34
CA SER A 2 2.08 -12.60 2.34
C SER A 2 0.67 -13.17 2.31
N SER A 3 -0.10 -12.87 3.35
CA SER A 3 -1.47 -13.35 3.46
C SER A 3 -2.35 -12.75 2.36
N GLY A 4 -3.14 -13.60 1.71
CA GLY A 4 -4.02 -13.14 0.65
C GLY A 4 -3.98 -14.05 -0.57
N SER A 5 -2.78 -14.47 -0.95
CA SER A 5 -2.62 -15.35 -2.11
C SER A 5 -1.71 -16.52 -1.77
N SER A 6 -1.51 -17.40 -2.75
CA SER A 6 -0.66 -18.58 -2.56
C SER A 6 0.42 -18.64 -3.63
N GLY A 7 1.56 -17.99 -3.35
CA GLY A 7 2.66 -17.98 -4.29
C GLY A 7 3.59 -16.81 -4.08
N THR A 8 4.07 -16.23 -5.18
CA THR A 8 4.98 -15.10 -5.11
C THR A 8 4.26 -13.83 -4.67
N GLY A 9 4.60 -13.33 -3.49
CA GLY A 9 3.97 -12.13 -2.97
C GLY A 9 4.97 -11.15 -2.40
N GLY A 10 5.37 -10.16 -3.19
CA GLY A 10 6.32 -9.17 -2.73
C GLY A 10 5.66 -7.86 -2.36
N LYS A 11 6.44 -6.96 -1.76
CA LYS A 11 5.92 -5.65 -1.35
C LYS A 11 4.72 -5.81 -0.44
N PRO A 12 4.96 -6.32 0.78
CA PRO A 12 3.90 -6.53 1.77
C PRO A 12 3.35 -5.22 2.32
N TYR A 13 4.25 -4.33 2.72
CA TYR A 13 3.86 -3.04 3.27
C TYR A 13 4.34 -1.90 2.37
N GLN A 14 5.41 -2.14 1.63
CA GLN A 14 5.97 -1.14 0.73
C GLN A 14 4.89 -0.58 -0.19
N CYS A 15 4.74 0.74 -0.17
CA CYS A 15 3.74 1.40 -1.00
C CYS A 15 3.88 0.97 -2.47
N ASN A 16 2.84 0.31 -2.97
CA ASN A 16 2.84 -0.16 -4.36
C ASN A 16 2.26 0.89 -5.29
N GLU A 17 1.40 1.76 -4.74
CA GLU A 17 0.77 2.81 -5.53
C GLU A 17 1.82 3.62 -6.28
N CYS A 18 2.91 3.96 -5.59
CA CYS A 18 3.99 4.73 -6.20
C CYS A 18 5.28 3.93 -6.24
N GLY A 19 5.43 3.01 -5.29
CA GLY A 19 6.62 2.18 -5.24
C GLY A 19 7.68 2.77 -4.33
N LYS A 20 7.27 3.20 -3.15
CA LYS A 20 8.20 3.79 -2.18
C LYS A 20 8.28 2.93 -0.92
N ALA A 21 9.37 3.07 -0.18
CA ALA A 21 9.57 2.32 1.05
C ALA A 21 10.06 3.21 2.18
N PHE A 22 9.90 2.75 3.41
CA PHE A 22 10.32 3.51 4.57
C PHE A 22 10.99 2.61 5.61
N SER A 23 11.81 3.21 6.46
CA SER A 23 12.52 2.46 7.50
C SER A 23 11.54 1.61 8.31
N GLN A 24 10.39 2.19 8.62
CA GLN A 24 9.37 1.50 9.40
C GLN A 24 7.98 1.70 8.80
N THR A 25 7.01 0.94 9.30
CA THR A 25 5.64 1.05 8.81
C THR A 25 4.94 2.28 9.39
N SER A 26 5.40 2.72 10.55
CA SER A 26 4.82 3.88 11.22
C SER A 26 4.74 5.07 10.27
N LYS A 27 5.90 5.49 9.76
CA LYS A 27 5.97 6.61 8.84
C LYS A 27 5.23 6.30 7.54
N LEU A 28 5.28 5.03 7.12
CA LEU A 28 4.62 4.60 5.90
C LEU A 28 3.12 4.89 5.96
N ALA A 29 2.53 4.64 7.12
CA ALA A 29 1.10 4.88 7.33
C ALA A 29 0.71 6.29 6.89
N ARG A 30 1.54 7.26 7.26
CA ARG A 30 1.29 8.65 6.91
C ARG A 30 1.47 8.88 5.41
N HIS A 31 2.45 8.22 4.83
CA HIS A 31 2.73 8.35 3.40
C HIS A 31 1.49 8.00 2.57
N GLN A 32 0.69 7.07 3.08
CA GLN A 32 -0.52 6.65 2.40
C GLN A 32 -1.46 7.83 2.17
N ARG A 33 -1.30 8.88 2.97
CA ARG A 33 -2.13 10.06 2.86
C ARG A 33 -2.14 10.59 1.42
N VAL A 34 -0.96 10.70 0.83
CA VAL A 34 -0.83 11.18 -0.54
C VAL A 34 -1.75 10.41 -1.48
N HIS A 35 -2.01 9.15 -1.16
CA HIS A 35 -2.88 8.30 -1.97
C HIS A 35 -4.27 8.20 -1.35
N THR A 36 -4.75 9.30 -0.80
CA THR A 36 -6.07 9.33 -0.16
C THR A 36 -7.16 9.57 -1.20
N GLY A 37 -8.32 8.96 -0.99
CA GLY A 37 -9.43 9.12 -1.90
C GLY A 37 -10.75 8.71 -1.29
N GLU A 38 -11.84 9.00 -2.00
CA GLU A 38 -13.18 8.65 -1.52
C GLU A 38 -13.97 7.92 -2.59
N LYS A 39 -14.83 7.00 -2.16
CA LYS A 39 -15.65 6.23 -3.09
C LYS A 39 -16.76 5.49 -2.34
N PRO A 40 -17.74 6.26 -1.82
CA PRO A 40 -18.87 5.69 -1.08
C PRO A 40 -19.83 4.92 -1.98
N SER A 41 -20.00 5.41 -3.20
CA SER A 41 -20.89 4.78 -4.17
C SER A 41 -20.27 3.49 -4.70
N GLY A 42 -20.98 2.37 -4.53
CA GLY A 42 -20.49 1.09 -5.00
C GLY A 42 -21.34 -0.06 -4.53
N PRO A 43 -21.03 -1.27 -5.03
CA PRO A 43 -21.76 -2.49 -4.67
C PRO A 43 -21.49 -2.91 -3.22
N SER A 44 -22.54 -2.91 -2.41
CA SER A 44 -22.42 -3.30 -1.00
C SER A 44 -21.99 -4.76 -0.88
N SER A 45 -22.71 -5.63 -1.57
CA SER A 45 -22.42 -7.07 -1.52
C SER A 45 -22.41 -7.58 -0.09
N GLY A 46 -23.18 -6.92 0.77
CA GLY A 46 -23.24 -7.32 2.16
C GLY A 46 -24.10 -8.56 2.36
ZN ZN B . 3.13 6.06 -2.11
N GLY A 1 6.90 -25.59 -19.90
CA GLY A 1 8.06 -25.08 -19.21
C GLY A 1 7.75 -23.90 -18.32
N SER A 2 8.26 -22.74 -18.69
CA SER A 2 8.03 -21.52 -17.91
C SER A 2 8.42 -20.28 -18.72
N SER A 3 7.73 -19.18 -18.47
CA SER A 3 8.00 -17.92 -19.17
C SER A 3 9.31 -17.31 -18.70
N GLY A 4 9.34 -16.87 -17.45
CA GLY A 4 10.54 -16.27 -16.90
C GLY A 4 10.37 -15.84 -15.45
N SER A 5 11.40 -15.20 -14.90
CA SER A 5 11.35 -14.76 -13.51
C SER A 5 11.65 -13.26 -13.42
N SER A 6 10.60 -12.45 -13.38
CA SER A 6 10.75 -11.01 -13.30
C SER A 6 10.43 -10.51 -11.90
N GLY A 7 9.33 -11.00 -11.34
CA GLY A 7 8.92 -10.60 -10.00
C GLY A 7 8.52 -11.77 -9.14
N THR A 8 8.90 -11.74 -7.87
CA THR A 8 8.57 -12.82 -6.94
C THR A 8 7.63 -12.33 -5.85
N GLY A 9 7.66 -11.02 -5.58
CA GLY A 9 6.80 -10.45 -4.56
C GLY A 9 7.55 -10.19 -3.26
N GLY A 10 7.58 -8.92 -2.85
CA GLY A 10 8.27 -8.56 -1.62
C GLY A 10 7.85 -7.20 -1.11
N LYS A 11 6.65 -6.77 -1.46
CA LYS A 11 6.13 -5.48 -1.03
C LYS A 11 4.83 -5.64 -0.27
N PRO A 12 4.92 -6.21 0.94
CA PRO A 12 3.74 -6.43 1.79
C PRO A 12 3.17 -5.13 2.35
N TYR A 13 4.06 -4.24 2.80
CA TYR A 13 3.65 -2.96 3.36
C TYR A 13 4.15 -1.81 2.50
N GLN A 14 5.26 -2.04 1.80
CA GLN A 14 5.86 -1.02 0.95
C GLN A 14 4.81 -0.45 -0.01
N CYS A 15 4.75 0.88 -0.10
CA CYS A 15 3.80 1.54 -0.98
C CYS A 15 3.90 1.00 -2.40
N ASN A 16 2.76 0.62 -2.97
CA ASN A 16 2.72 0.08 -4.32
C ASN A 16 2.17 1.12 -5.30
N GLU A 17 1.35 2.04 -4.78
CA GLU A 17 0.76 3.08 -5.62
C GLU A 17 1.84 3.81 -6.42
N CYS A 18 2.92 4.18 -5.74
CA CYS A 18 4.02 4.89 -6.40
C CYS A 18 5.30 4.06 -6.37
N GLY A 19 5.40 3.19 -5.37
CA GLY A 19 6.58 2.34 -5.25
C GLY A 19 7.62 2.93 -4.32
N LYS A 20 7.19 3.39 -3.15
CA LYS A 20 8.09 3.98 -2.17
C LYS A 20 8.15 3.14 -0.89
N ALA A 21 9.36 2.90 -0.40
CA ALA A 21 9.55 2.12 0.81
C ALA A 21 10.17 2.96 1.92
N PHE A 22 9.78 2.68 3.15
CA PHE A 22 10.31 3.42 4.31
C PHE A 22 10.90 2.45 5.34
N SER A 23 11.41 3.02 6.42
CA SER A 23 12.01 2.21 7.48
C SER A 23 10.95 1.41 8.22
N GLN A 24 10.11 2.10 8.99
CA GLN A 24 9.05 1.45 9.75
C GLN A 24 7.69 1.70 9.10
N THR A 25 6.73 0.84 9.42
CA THR A 25 5.38 0.95 8.87
C THR A 25 4.71 2.24 9.35
N SER A 26 5.14 2.74 10.51
CA SER A 26 4.57 3.95 11.07
C SER A 26 4.63 5.10 10.07
N LYS A 27 5.83 5.60 9.82
CA LYS A 27 6.02 6.70 8.88
C LYS A 27 5.38 6.37 7.53
N LEU A 28 5.43 5.11 7.15
CA LEU A 28 4.85 4.66 5.89
C LEU A 28 3.36 4.98 5.83
N ALA A 29 2.68 4.76 6.95
CA ALA A 29 1.24 5.02 7.04
C ALA A 29 0.92 6.47 6.70
N ARG A 30 1.86 7.36 7.03
CA ARG A 30 1.68 8.78 6.78
C ARG A 30 1.86 9.09 5.29
N HIS A 31 2.65 8.27 4.62
CA HIS A 31 2.91 8.45 3.19
C HIS A 31 1.69 8.07 2.36
N GLN A 32 0.97 7.04 2.81
CA GLN A 32 -0.22 6.58 2.10
C GLN A 32 -1.25 7.70 1.99
N ARG A 33 -1.15 8.69 2.88
CA ARG A 33 -2.07 9.81 2.87
C ARG A 33 -2.16 10.44 1.49
N VAL A 34 -1.00 10.70 0.88
CA VAL A 34 -0.95 11.30 -0.44
C VAL A 34 -1.82 10.54 -1.43
N HIS A 35 -1.98 9.23 -1.20
CA HIS A 35 -2.79 8.39 -2.07
C HIS A 35 -4.22 8.31 -1.54
N THR A 36 -4.40 7.60 -0.43
CA THR A 36 -5.71 7.44 0.17
C THR A 36 -6.38 8.78 0.40
N GLY A 37 -7.72 8.78 0.45
CA GLY A 37 -8.46 10.00 0.66
C GLY A 37 -9.92 9.75 0.98
N GLU A 38 -10.78 10.03 0.01
CA GLU A 38 -12.22 9.83 0.19
C GLU A 38 -12.61 8.38 -0.06
N LYS A 39 -13.35 7.80 0.87
CA LYS A 39 -13.80 6.41 0.75
C LYS A 39 -14.76 6.05 1.87
N PRO A 40 -15.99 6.58 1.79
CA PRO A 40 -17.03 6.33 2.79
C PRO A 40 -17.54 4.88 2.74
N SER A 41 -17.56 4.23 3.89
CA SER A 41 -18.02 2.84 3.98
C SER A 41 -19.54 2.79 3.97
N GLY A 42 -20.10 2.40 2.83
CA GLY A 42 -21.55 2.31 2.71
C GLY A 42 -22.05 2.71 1.34
N PRO A 43 -23.37 2.87 1.21
CA PRO A 43 -24.01 3.26 -0.06
C PRO A 43 -23.69 4.71 -0.44
N SER A 44 -23.51 4.94 -1.73
CA SER A 44 -23.20 6.28 -2.23
C SER A 44 -24.44 6.92 -2.84
N SER A 45 -25.23 7.60 -2.01
CA SER A 45 -26.44 8.26 -2.47
C SER A 45 -26.11 9.52 -3.28
N GLY A 46 -27.07 9.98 -4.06
CA GLY A 46 -26.86 11.17 -4.87
C GLY A 46 -28.10 11.57 -5.64
ZN ZN B . 3.34 6.17 -2.34
N GLY A 1 5.44 -33.50 -2.53
CA GLY A 1 5.87 -32.12 -2.71
C GLY A 1 6.15 -31.79 -4.16
N SER A 2 5.16 -31.22 -4.84
CA SER A 2 5.30 -30.86 -6.25
C SER A 2 6.11 -29.58 -6.40
N SER A 3 7.20 -29.65 -7.16
CA SER A 3 8.06 -28.50 -7.38
C SER A 3 7.65 -27.74 -8.63
N GLY A 4 8.16 -26.52 -8.77
CA GLY A 4 7.83 -25.71 -9.92
C GLY A 4 6.86 -24.59 -9.59
N SER A 5 7.07 -23.95 -8.44
CA SER A 5 6.21 -22.86 -8.01
C SER A 5 6.97 -21.53 -8.00
N SER A 6 6.89 -20.80 -9.11
CA SER A 6 7.57 -19.52 -9.22
C SER A 6 6.71 -18.40 -8.66
N GLY A 7 7.25 -17.69 -7.67
CA GLY A 7 6.51 -16.59 -7.05
C GLY A 7 7.36 -15.34 -6.93
N THR A 8 7.34 -14.52 -7.97
CA THR A 8 8.11 -13.28 -7.97
C THR A 8 7.26 -12.09 -7.51
N GLY A 9 7.89 -11.15 -6.83
CA GLY A 9 7.17 -9.98 -6.35
C GLY A 9 6.88 -10.05 -4.87
N GLY A 10 6.37 -8.95 -4.32
CA GLY A 10 6.06 -8.91 -2.90
C GLY A 10 5.49 -7.57 -2.46
N LYS A 11 6.30 -6.81 -1.74
CA LYS A 11 5.87 -5.49 -1.26
C LYS A 11 4.59 -5.60 -0.44
N PRO A 12 4.71 -6.20 0.76
CA PRO A 12 3.58 -6.38 1.67
C PRO A 12 3.10 -5.06 2.27
N TYR A 13 4.04 -4.27 2.76
CA TYR A 13 3.72 -2.98 3.37
C TYR A 13 4.24 -1.83 2.50
N GLN A 14 5.32 -2.08 1.79
CA GLN A 14 5.92 -1.06 0.92
C GLN A 14 4.88 -0.48 -0.02
N CYS A 15 4.79 0.85 -0.04
CA CYS A 15 3.83 1.54 -0.90
C CYS A 15 3.95 1.07 -2.35
N ASN A 16 2.85 0.54 -2.89
CA ASN A 16 2.85 0.06 -4.26
C ASN A 16 2.27 1.11 -5.21
N GLU A 17 1.42 1.98 -4.68
CA GLU A 17 0.80 3.03 -5.48
C GLU A 17 1.86 3.82 -6.25
N CYS A 18 2.94 4.19 -5.55
CA CYS A 18 4.02 4.94 -6.17
C CYS A 18 5.30 4.12 -6.21
N GLY A 19 5.43 3.18 -5.28
CA GLY A 19 6.61 2.35 -5.22
C GLY A 19 7.69 2.93 -4.34
N LYS A 20 7.37 3.17 -3.08
CA LYS A 20 8.32 3.72 -2.13
C LYS A 20 8.31 2.94 -0.81
N ALA A 21 9.49 2.55 -0.37
CA ALA A 21 9.63 1.79 0.87
C ALA A 21 10.26 2.64 1.97
N PHE A 22 9.63 2.66 3.14
CA PHE A 22 10.14 3.44 4.26
C PHE A 22 10.81 2.53 5.30
N SER A 23 11.57 3.13 6.19
CA SER A 23 12.28 2.38 7.23
C SER A 23 11.29 1.66 8.13
N GLN A 24 10.41 2.41 8.79
CA GLN A 24 9.43 1.84 9.68
C GLN A 24 8.02 1.98 9.10
N THR A 25 7.14 1.04 9.45
CA THR A 25 5.77 1.05 8.97
C THR A 25 5.02 2.28 9.49
N SER A 26 5.47 2.80 10.62
CA SER A 26 4.83 3.96 11.23
C SER A 26 4.74 5.11 10.23
N LYS A 27 5.88 5.63 9.82
CA LYS A 27 5.94 6.73 8.86
C LYS A 27 5.23 6.35 7.56
N LEU A 28 5.41 5.11 7.14
CA LEU A 28 4.78 4.61 5.92
C LEU A 28 3.28 4.85 5.93
N ALA A 29 2.65 4.53 7.06
CA ALA A 29 1.20 4.71 7.20
C ALA A 29 0.80 6.15 6.86
N ARG A 30 1.64 7.10 7.21
CA ARG A 30 1.37 8.51 6.94
C ARG A 30 1.56 8.82 5.46
N HIS A 31 2.50 8.11 4.82
CA HIS A 31 2.78 8.31 3.41
C HIS A 31 1.57 7.95 2.55
N GLN A 32 0.81 6.96 3.00
CA GLN A 32 -0.37 6.52 2.28
C GLN A 32 -1.36 7.67 2.11
N ARG A 33 -1.25 8.67 2.98
CA ARG A 33 -2.14 9.82 2.92
C ARG A 33 -2.17 10.42 1.52
N VAL A 34 -0.99 10.63 0.94
CA VAL A 34 -0.89 11.19 -0.39
C VAL A 34 -1.75 10.43 -1.39
N HIS A 35 -1.95 9.14 -1.13
CA HIS A 35 -2.76 8.29 -2.00
C HIS A 35 -4.16 8.10 -1.41
N THR A 36 -4.83 9.21 -1.12
CA THR A 36 -6.17 9.16 -0.55
C THR A 36 -7.11 8.32 -1.41
N GLY A 37 -7.27 8.74 -2.67
CA GLY A 37 -8.14 8.01 -3.58
C GLY A 37 -9.61 8.26 -3.30
N GLU A 38 -10.19 9.21 -4.03
CA GLU A 38 -11.59 9.54 -3.86
C GLU A 38 -12.43 8.98 -5.00
N LYS A 39 -13.31 8.03 -4.67
CA LYS A 39 -14.17 7.40 -5.66
C LYS A 39 -15.18 6.47 -4.99
N PRO A 40 -16.16 7.06 -4.28
CA PRO A 40 -17.20 6.31 -3.59
C PRO A 40 -18.17 5.64 -4.56
N SER A 41 -18.25 6.17 -5.78
CA SER A 41 -19.14 5.61 -6.80
C SER A 41 -18.61 4.28 -7.31
N GLY A 42 -19.54 3.37 -7.60
CA GLY A 42 -19.15 2.06 -8.10
C GLY A 42 -20.26 1.03 -7.95
N PRO A 43 -21.32 1.18 -8.77
CA PRO A 43 -22.46 0.27 -8.74
C PRO A 43 -22.12 -1.12 -9.28
N SER A 44 -21.15 -1.17 -10.19
CA SER A 44 -20.72 -2.43 -10.78
C SER A 44 -19.69 -3.12 -9.91
N SER A 45 -19.56 -4.43 -10.08
CA SER A 45 -18.60 -5.21 -9.31
C SER A 45 -17.47 -5.72 -10.19
N GLY A 46 -16.40 -4.93 -10.31
CA GLY A 46 -15.28 -5.32 -11.13
C GLY A 46 -15.44 -4.92 -12.58
ZN ZN B . 3.30 6.21 -2.07
N GLY A 1 -7.23 -23.68 -9.97
CA GLY A 1 -6.51 -22.43 -9.90
C GLY A 1 -5.05 -22.61 -9.53
N SER A 2 -4.23 -21.61 -9.84
CA SER A 2 -2.80 -21.68 -9.55
C SER A 2 -2.15 -20.31 -9.72
N SER A 3 -0.95 -20.16 -9.19
CA SER A 3 -0.21 -18.91 -9.27
C SER A 3 1.29 -19.12 -9.10
N GLY A 4 2.08 -18.19 -9.60
CA GLY A 4 3.52 -18.30 -9.49
C GLY A 4 4.17 -17.03 -9.00
N SER A 5 5.45 -16.86 -9.29
CA SER A 5 6.20 -15.68 -8.86
C SER A 5 6.44 -14.74 -10.04
N SER A 6 5.59 -13.72 -10.16
CA SER A 6 5.70 -12.75 -11.25
C SER A 6 6.77 -11.70 -10.92
N GLY A 7 8.02 -12.03 -11.23
CA GLY A 7 9.11 -11.12 -10.96
C GLY A 7 9.88 -11.47 -9.71
N THR A 8 10.32 -10.45 -8.98
CA THR A 8 11.07 -10.66 -7.74
C THR A 8 10.14 -10.74 -6.53
N GLY A 9 9.23 -9.77 -6.43
CA GLY A 9 8.30 -9.75 -5.33
C GLY A 9 8.98 -9.44 -4.01
N GLY A 10 8.26 -8.76 -3.13
CA GLY A 10 8.82 -8.40 -1.83
C GLY A 10 8.41 -7.01 -1.38
N LYS A 11 7.09 -6.77 -1.35
CA LYS A 11 6.58 -5.47 -0.93
C LYS A 11 5.19 -5.62 -0.29
N PRO A 12 5.16 -6.23 0.90
CA PRO A 12 3.91 -6.45 1.64
C PRO A 12 3.32 -5.15 2.17
N TYR A 13 4.17 -4.31 2.75
CA TYR A 13 3.73 -3.04 3.31
C TYR A 13 4.22 -1.88 2.45
N GLN A 14 5.34 -2.08 1.76
CA GLN A 14 5.91 -1.05 0.90
C GLN A 14 4.86 -0.50 -0.06
N CYS A 15 4.74 0.82 -0.12
CA CYS A 15 3.77 1.45 -1.01
C CYS A 15 3.93 0.94 -2.43
N ASN A 16 2.82 0.49 -3.01
CA ASN A 16 2.82 -0.03 -4.37
C ASN A 16 2.24 0.99 -5.35
N GLU A 17 1.38 1.86 -4.83
CA GLU A 17 0.75 2.88 -5.66
C GLU A 17 1.79 3.67 -6.44
N CYS A 18 2.86 4.07 -5.75
CA CYS A 18 3.93 4.84 -6.38
C CYS A 18 5.24 4.04 -6.35
N GLY A 19 5.38 3.15 -5.37
CA GLY A 19 6.58 2.35 -5.26
C GLY A 19 7.60 2.96 -4.32
N LYS A 20 7.14 3.33 -3.12
CA LYS A 20 8.02 3.93 -2.13
C LYS A 20 8.04 3.09 -0.85
N ALA A 21 9.24 2.82 -0.34
CA ALA A 21 9.40 2.04 0.86
C ALA A 21 9.90 2.90 2.02
N PHE A 22 9.75 2.39 3.24
CA PHE A 22 10.19 3.11 4.43
C PHE A 22 10.85 2.17 5.43
N SER A 23 11.59 2.75 6.37
CA SER A 23 12.28 1.96 7.39
C SER A 23 11.27 1.32 8.35
N GLN A 24 10.17 2.03 8.60
CA GLN A 24 9.14 1.52 9.50
C GLN A 24 7.76 1.76 8.91
N THR A 25 6.78 1.01 9.41
CA THR A 25 5.40 1.13 8.93
C THR A 25 4.74 2.39 9.47
N SER A 26 5.21 2.84 10.63
CA SER A 26 4.66 4.04 11.26
C SER A 26 4.64 5.21 10.28
N LYS A 27 5.81 5.57 9.77
CA LYS A 27 5.92 6.66 8.81
C LYS A 27 5.20 6.34 7.52
N LEU A 28 5.33 5.09 7.07
CA LEU A 28 4.68 4.65 5.84
C LEU A 28 3.19 4.99 5.85
N ALA A 29 2.55 4.74 6.98
CA ALA A 29 1.13 5.02 7.13
C ALA A 29 0.81 6.46 6.79
N ARG A 30 1.75 7.35 7.09
CA ARG A 30 1.58 8.78 6.83
C ARG A 30 1.76 9.07 5.34
N HIS A 31 2.56 8.25 4.66
CA HIS A 31 2.81 8.43 3.24
C HIS A 31 1.57 8.09 2.42
N GLN A 32 0.79 7.13 2.91
CA GLN A 32 -0.43 6.72 2.21
C GLN A 32 -1.38 7.90 2.04
N ARG A 33 -1.22 8.91 2.89
CA ARG A 33 -2.08 10.09 2.84
C ARG A 33 -2.12 10.66 1.43
N VAL A 34 -0.94 10.81 0.82
CA VAL A 34 -0.84 11.36 -0.53
C VAL A 34 -1.76 10.61 -1.49
N HIS A 35 -1.99 9.33 -1.21
CA HIS A 35 -2.85 8.52 -2.05
C HIS A 35 -4.29 8.53 -1.53
N THR A 36 -4.52 7.87 -0.40
CA THR A 36 -5.84 7.80 0.20
C THR A 36 -6.44 9.19 0.36
N GLY A 37 -7.76 9.26 0.46
CA GLY A 37 -8.43 10.53 0.62
C GLY A 37 -9.61 10.69 -0.31
N GLU A 38 -9.46 10.20 -1.54
CA GLU A 38 -10.52 10.29 -2.54
C GLU A 38 -11.54 9.17 -2.35
N LYS A 39 -12.81 9.55 -2.21
CA LYS A 39 -13.88 8.57 -2.03
C LYS A 39 -15.25 9.24 -2.14
N PRO A 40 -15.60 9.66 -3.36
CA PRO A 40 -16.88 10.32 -3.64
C PRO A 40 -18.06 9.36 -3.52
N SER A 41 -18.82 9.49 -2.43
CA SER A 41 -19.97 8.64 -2.20
C SER A 41 -21.05 9.37 -1.41
N GLY A 42 -22.30 8.98 -1.60
CA GLY A 42 -23.39 9.61 -0.90
C GLY A 42 -23.59 9.06 0.50
N PRO A 43 -24.62 9.57 1.20
CA PRO A 43 -24.92 9.13 2.58
C PRO A 43 -25.47 7.71 2.62
N SER A 44 -25.80 7.25 3.82
CA SER A 44 -26.32 5.90 4.00
C SER A 44 -27.73 5.94 4.61
N SER A 45 -28.67 6.47 3.85
CA SER A 45 -30.06 6.58 4.31
C SER A 45 -30.98 6.99 3.16
N GLY A 46 -32.29 6.95 3.42
CA GLY A 46 -33.25 7.33 2.42
C GLY A 46 -34.35 6.29 2.25
ZN ZN B . 3.17 6.11 -2.29
N GLY A 1 9.57 -20.25 17.22
CA GLY A 1 9.16 -18.97 17.78
C GLY A 1 7.76 -18.58 17.37
N SER A 2 7.23 -17.54 17.99
CA SER A 2 5.88 -17.05 17.69
C SER A 2 5.90 -15.57 17.33
N SER A 3 4.83 -15.12 16.69
CA SER A 3 4.72 -13.73 16.28
C SER A 3 5.93 -13.30 15.45
N GLY A 4 6.33 -14.17 14.53
CA GLY A 4 7.48 -13.88 13.67
C GLY A 4 7.31 -14.41 12.27
N SER A 5 6.47 -13.75 11.49
CA SER A 5 6.21 -14.18 10.11
C SER A 5 7.08 -13.39 9.13
N SER A 6 8.11 -14.04 8.61
CA SER A 6 9.02 -13.41 7.66
C SER A 6 9.66 -14.45 6.74
N GLY A 7 10.35 -13.97 5.71
CA GLY A 7 11.00 -14.86 4.78
C GLY A 7 10.90 -14.38 3.34
N THR A 8 9.86 -13.61 3.06
CA THR A 8 9.64 -13.08 1.71
C THR A 8 10.27 -11.71 1.54
N GLY A 9 10.63 -11.37 0.30
CA GLY A 9 11.24 -10.09 0.04
C GLY A 9 10.60 -9.38 -1.15
N GLY A 10 9.29 -9.15 -1.07
CA GLY A 10 8.59 -8.49 -2.14
C GLY A 10 8.19 -7.07 -1.78
N LYS A 11 6.96 -6.91 -1.30
CA LYS A 11 6.45 -5.60 -0.92
C LYS A 11 5.08 -5.72 -0.25
N PRO A 12 5.06 -6.30 0.96
CA PRO A 12 3.83 -6.49 1.73
C PRO A 12 3.26 -5.17 2.24
N TYR A 13 4.13 -4.36 2.84
CA TYR A 13 3.71 -3.07 3.38
C TYR A 13 4.20 -1.92 2.50
N GLN A 14 5.30 -2.17 1.78
CA GLN A 14 5.87 -1.16 0.90
C GLN A 14 4.81 -0.60 -0.04
N CYS A 15 4.73 0.73 -0.11
CA CYS A 15 3.76 1.39 -0.98
C CYS A 15 3.85 0.86 -2.40
N ASN A 16 2.69 0.59 -3.00
CA ASN A 16 2.65 0.08 -4.37
C ASN A 16 2.13 1.14 -5.33
N GLU A 17 1.34 2.07 -4.80
CA GLU A 17 0.77 3.15 -5.62
C GLU A 17 1.88 3.86 -6.40
N CYS A 18 2.87 4.35 -5.68
CA CYS A 18 3.99 5.06 -6.31
C CYS A 18 5.25 4.21 -6.31
N GLY A 19 5.34 3.30 -5.33
CA GLY A 19 6.50 2.44 -5.24
C GLY A 19 7.62 3.05 -4.41
N LYS A 20 7.38 3.19 -3.10
CA LYS A 20 8.37 3.76 -2.20
C LYS A 20 8.32 3.07 -0.84
N ALA A 21 9.47 2.56 -0.42
CA ALA A 21 9.56 1.87 0.86
C ALA A 21 10.20 2.77 1.92
N PHE A 22 9.85 2.54 3.18
CA PHE A 22 10.39 3.33 4.28
C PHE A 22 11.04 2.43 5.33
N SER A 23 11.61 3.05 6.35
CA SER A 23 12.28 2.30 7.42
C SER A 23 11.27 1.50 8.23
N GLN A 24 10.24 2.17 8.73
CA GLN A 24 9.21 1.51 9.52
C GLN A 24 7.83 1.79 8.94
N THR A 25 6.85 0.96 9.33
CA THR A 25 5.48 1.11 8.85
C THR A 25 4.84 2.37 9.42
N SER A 26 5.32 2.80 10.58
CA SER A 26 4.78 3.98 11.24
C SER A 26 4.75 5.17 10.28
N LYS A 27 5.92 5.53 9.76
CA LYS A 27 6.03 6.66 8.83
C LYS A 27 5.31 6.33 7.52
N LEU A 28 5.30 5.06 7.15
CA LEU A 28 4.65 4.62 5.91
C LEU A 28 3.16 4.95 5.95
N ALA A 29 2.54 4.74 7.10
CA ALA A 29 1.12 5.00 7.27
C ALA A 29 0.78 6.44 6.86
N ARG A 30 1.65 7.37 7.22
CA ARG A 30 1.45 8.78 6.89
C ARG A 30 1.65 9.03 5.41
N HIS A 31 2.49 8.21 4.77
CA HIS A 31 2.77 8.34 3.35
C HIS A 31 1.56 7.95 2.52
N GLN A 32 0.81 6.96 3.01
CA GLN A 32 -0.38 6.49 2.30
C GLN A 32 -1.38 7.62 2.10
N ARG A 33 -1.28 8.65 2.93
CA ARG A 33 -2.17 9.80 2.84
C ARG A 33 -2.22 10.35 1.42
N VAL A 34 -1.04 10.52 0.83
CA VAL A 34 -0.94 11.03 -0.54
C VAL A 34 -1.83 10.24 -1.49
N HIS A 35 -2.01 8.96 -1.19
CA HIS A 35 -2.83 8.09 -2.02
C HIS A 35 -4.22 7.91 -1.40
N THR A 36 -4.72 8.96 -0.78
CA THR A 36 -6.05 8.91 -0.15
C THR A 36 -6.94 10.05 -0.65
N GLY A 37 -8.15 9.70 -1.03
CA GLY A 37 -9.09 10.70 -1.52
C GLY A 37 -10.40 10.10 -1.98
N GLU A 38 -10.67 10.18 -3.27
CA GLU A 38 -11.90 9.63 -3.84
C GLU A 38 -11.69 8.21 -4.36
N LYS A 39 -11.15 7.35 -3.50
CA LYS A 39 -10.89 5.97 -3.87
C LYS A 39 -10.48 5.15 -2.64
N PRO A 40 -11.44 4.94 -1.73
CA PRO A 40 -11.20 4.17 -0.50
C PRO A 40 -11.00 2.68 -0.78
N SER A 41 -9.77 2.30 -1.12
CA SER A 41 -9.45 0.92 -1.41
C SER A 41 -9.12 0.15 -0.14
N GLY A 42 -10.14 -0.43 0.48
CA GLY A 42 -9.94 -1.18 1.71
C GLY A 42 -10.32 -0.39 2.94
N PRO A 43 -10.03 -0.95 4.12
CA PRO A 43 -10.33 -0.31 5.40
C PRO A 43 -9.45 0.91 5.66
N SER A 44 -10.09 2.02 6.06
CA SER A 44 -9.36 3.26 6.33
C SER A 44 -8.55 3.14 7.63
N SER A 45 -7.23 3.03 7.48
CA SER A 45 -6.34 2.91 8.62
C SER A 45 -5.85 4.27 9.08
N GLY A 46 -6.61 4.91 9.95
CA GLY A 46 -6.23 6.23 10.45
C GLY A 46 -5.61 6.16 11.83
ZN ZN B . 3.28 6.09 -2.25
N GLY A 1 -4.72 -28.20 1.19
CA GLY A 1 -4.16 -27.61 -0.02
C GLY A 1 -2.65 -27.76 -0.08
N SER A 2 -1.94 -26.75 0.41
CA SER A 2 -0.48 -26.76 0.40
C SER A 2 0.07 -27.20 1.76
N SER A 3 1.33 -27.60 1.78
CA SER A 3 1.97 -28.05 3.00
C SER A 3 2.40 -26.86 3.86
N GLY A 4 3.22 -26.00 3.29
CA GLY A 4 3.68 -24.82 4.01
C GLY A 4 3.80 -23.61 3.12
N SER A 5 2.71 -22.86 2.99
CA SER A 5 2.70 -21.66 2.15
C SER A 5 3.60 -20.58 2.74
N SER A 6 4.64 -20.21 1.99
CA SER A 6 5.58 -19.20 2.44
C SER A 6 6.03 -18.33 1.28
N GLY A 7 6.30 -17.05 1.56
CA GLY A 7 6.74 -16.14 0.53
C GLY A 7 7.24 -14.83 1.09
N THR A 8 8.50 -14.50 0.81
CA THR A 8 9.09 -13.25 1.29
C THR A 8 9.80 -12.51 0.18
N GLY A 9 9.56 -11.20 0.09
CA GLY A 9 10.19 -10.40 -0.94
C GLY A 9 9.21 -9.99 -2.03
N GLY A 10 8.11 -9.37 -1.64
CA GLY A 10 7.11 -8.96 -2.61
C GLY A 10 6.43 -7.66 -2.21
N LYS A 11 7.14 -6.83 -1.44
CA LYS A 11 6.59 -5.56 -0.99
C LYS A 11 5.28 -5.76 -0.24
N PRO A 12 5.36 -6.32 0.97
CA PRO A 12 4.18 -6.58 1.80
C PRO A 12 3.55 -5.28 2.33
N TYR A 13 4.39 -4.36 2.80
CA TYR A 13 3.91 -3.10 3.33
C TYR A 13 4.36 -1.94 2.44
N GLN A 14 5.47 -2.13 1.74
CA GLN A 14 6.00 -1.10 0.86
C GLN A 14 4.94 -0.60 -0.10
N CYS A 15 4.75 0.71 -0.17
CA CYS A 15 3.77 1.31 -1.05
C CYS A 15 3.97 0.83 -2.49
N ASN A 16 2.88 0.39 -3.11
CA ASN A 16 2.94 -0.09 -4.49
C ASN A 16 2.32 0.92 -5.45
N GLU A 17 1.40 1.73 -4.93
CA GLU A 17 0.73 2.75 -5.74
C GLU A 17 1.76 3.62 -6.48
N CYS A 18 2.78 4.05 -5.75
CA CYS A 18 3.82 4.89 -6.34
C CYS A 18 5.17 4.18 -6.30
N GLY A 19 5.33 3.26 -5.35
CA GLY A 19 6.58 2.53 -5.22
C GLY A 19 7.56 3.21 -4.29
N LYS A 20 7.22 3.25 -3.01
CA LYS A 20 8.08 3.88 -2.01
C LYS A 20 8.11 3.05 -0.73
N ALA A 21 9.31 2.68 -0.30
CA ALA A 21 9.47 1.89 0.91
C ALA A 21 9.97 2.76 2.06
N PHE A 22 9.72 2.31 3.29
CA PHE A 22 10.14 3.04 4.48
C PHE A 22 10.76 2.10 5.51
N SER A 23 11.67 2.64 6.32
CA SER A 23 12.34 1.85 7.35
C SER A 23 11.33 1.24 8.31
N GLN A 24 10.30 2.02 8.65
CA GLN A 24 9.27 1.56 9.57
C GLN A 24 7.88 1.87 9.02
N THR A 25 6.92 0.97 9.29
CA THR A 25 5.56 1.15 8.83
C THR A 25 4.93 2.41 9.42
N SER A 26 5.43 2.81 10.58
CA SER A 26 4.91 4.00 11.27
C SER A 26 4.90 5.20 10.32
N LYS A 27 6.02 5.41 9.63
CA LYS A 27 6.13 6.52 8.69
C LYS A 27 5.34 6.24 7.41
N LEU A 28 5.22 4.97 7.06
CA LEU A 28 4.49 4.57 5.87
C LEU A 28 3.02 4.96 5.97
N ALA A 29 2.46 4.79 7.16
CA ALA A 29 1.05 5.12 7.39
C ALA A 29 0.76 6.56 6.99
N ARG A 30 1.71 7.46 7.27
CA ARG A 30 1.55 8.87 6.94
C ARG A 30 1.69 9.09 5.44
N HIS A 31 2.49 8.25 4.79
CA HIS A 31 2.72 8.36 3.35
C HIS A 31 1.45 8.01 2.57
N GLN A 32 0.64 7.13 3.14
CA GLN A 32 -0.60 6.71 2.50
C GLN A 32 -1.51 7.91 2.25
N ARG A 33 -1.30 8.98 3.01
CA ARG A 33 -2.10 10.19 2.87
C ARG A 33 -2.14 10.65 1.42
N VAL A 34 -0.98 10.70 0.80
CA VAL A 34 -0.88 11.12 -0.60
C VAL A 34 -1.84 10.34 -1.48
N HIS A 35 -2.12 9.11 -1.09
CA HIS A 35 -3.03 8.25 -1.84
C HIS A 35 -4.40 8.19 -1.17
N THR A 36 -5.01 9.34 -0.97
CA THR A 36 -6.32 9.42 -0.33
C THR A 36 -7.40 9.83 -1.32
N GLY A 37 -8.07 8.85 -1.92
CA GLY A 37 -9.11 9.15 -2.88
C GLY A 37 -10.46 9.38 -2.23
N GLU A 38 -11.53 9.07 -2.96
CA GLU A 38 -12.88 9.25 -2.44
C GLU A 38 -13.44 7.94 -1.90
N LYS A 39 -12.99 7.56 -0.71
CA LYS A 39 -13.45 6.33 -0.08
C LYS A 39 -12.93 6.22 1.35
N PRO A 40 -13.49 7.06 2.24
CA PRO A 40 -13.10 7.09 3.66
C PRO A 40 -13.57 5.84 4.40
N SER A 41 -14.56 5.16 3.83
CA SER A 41 -15.10 3.95 4.45
C SER A 41 -15.91 3.14 3.44
N GLY A 42 -16.29 1.93 3.83
CA GLY A 42 -17.07 1.08 2.96
C GLY A 42 -16.53 -0.33 2.88
N PRO A 43 -15.41 -0.50 2.17
CA PRO A 43 -14.76 -1.80 2.01
C PRO A 43 -14.12 -2.30 3.30
N SER A 44 -13.75 -1.37 4.18
CA SER A 44 -13.14 -1.72 5.45
C SER A 44 -13.66 -0.82 6.57
N SER A 45 -13.52 -1.29 7.81
CA SER A 45 -13.98 -0.53 8.96
C SER A 45 -12.81 0.14 9.67
N GLY A 46 -12.96 1.43 9.98
CA GLY A 46 -11.91 2.16 10.65
C GLY A 46 -11.76 1.75 12.10
ZN ZN B . 3.00 5.95 -2.25
N GLY A 1 21.30 -25.62 -14.12
CA GLY A 1 21.75 -24.70 -15.15
C GLY A 1 21.24 -23.29 -14.95
N SER A 2 19.92 -23.16 -14.80
CA SER A 2 19.30 -21.87 -14.61
C SER A 2 19.32 -21.47 -13.14
N SER A 3 19.07 -20.19 -12.87
CA SER A 3 19.06 -19.68 -11.51
C SER A 3 17.81 -20.14 -10.75
N GLY A 4 17.89 -20.13 -9.43
CA GLY A 4 16.76 -20.55 -8.62
C GLY A 4 16.50 -19.60 -7.46
N SER A 5 15.37 -18.90 -7.51
CA SER A 5 15.00 -17.97 -6.46
C SER A 5 13.58 -18.22 -5.97
N SER A 6 13.10 -17.37 -5.07
CA SER A 6 11.76 -17.51 -4.52
C SER A 6 11.16 -16.14 -4.20
N GLY A 7 9.98 -15.88 -4.75
CA GLY A 7 9.31 -14.60 -4.50
C GLY A 7 9.50 -13.63 -5.65
N THR A 8 8.48 -13.48 -6.47
CA THR A 8 8.54 -12.57 -7.61
C THR A 8 7.74 -11.30 -7.34
N GLY A 9 7.79 -10.83 -6.10
CA GLY A 9 7.08 -9.62 -5.74
C GLY A 9 7.06 -9.38 -4.24
N GLY A 10 8.14 -8.81 -3.73
CA GLY A 10 8.23 -8.54 -2.30
C GLY A 10 7.88 -7.11 -1.96
N LYS A 11 6.69 -6.90 -1.42
CA LYS A 11 6.23 -5.56 -1.04
C LYS A 11 4.87 -5.63 -0.36
N PRO A 12 4.85 -6.18 0.86
CA PRO A 12 3.62 -6.32 1.65
C PRO A 12 3.11 -4.97 2.15
N TYR A 13 4.00 -4.17 2.73
CA TYR A 13 3.65 -2.86 3.25
C TYR A 13 4.19 -1.75 2.36
N GLN A 14 5.28 -2.04 1.67
CA GLN A 14 5.91 -1.07 0.78
C GLN A 14 4.88 -0.50 -0.19
N CYS A 15 4.76 0.83 -0.21
CA CYS A 15 3.82 1.51 -1.09
C CYS A 15 4.01 1.06 -2.54
N ASN A 16 3.00 0.40 -3.08
CA ASN A 16 3.05 -0.08 -4.45
C ASN A 16 2.42 0.92 -5.41
N GLU A 17 1.51 1.74 -4.89
CA GLU A 17 0.84 2.75 -5.70
C GLU A 17 1.84 3.60 -6.45
N CYS A 18 2.89 4.03 -5.75
CA CYS A 18 3.92 4.86 -6.35
C CYS A 18 5.28 4.14 -6.35
N GLY A 19 5.44 3.23 -5.39
CA GLY A 19 6.68 2.48 -5.29
C GLY A 19 7.66 3.12 -4.33
N LYS A 20 7.30 3.18 -3.05
CA LYS A 20 8.16 3.77 -2.04
C LYS A 20 8.19 2.90 -0.77
N ALA A 21 9.38 2.72 -0.22
CA ALA A 21 9.54 1.92 0.99
C ALA A 21 10.12 2.75 2.12
N PHE A 22 9.62 2.54 3.32
CA PHE A 22 10.08 3.27 4.50
C PHE A 22 10.73 2.32 5.51
N SER A 23 11.56 2.87 6.38
CA SER A 23 12.24 2.08 7.39
C SER A 23 11.24 1.42 8.34
N GLN A 24 10.18 2.16 8.67
CA GLN A 24 9.14 1.65 9.57
C GLN A 24 7.76 1.90 8.99
N THR A 25 6.82 1.03 9.33
CA THR A 25 5.45 1.15 8.84
C THR A 25 4.77 2.39 9.42
N SER A 26 5.25 2.83 10.58
CA SER A 26 4.69 4.00 11.24
C SER A 26 4.65 5.19 10.29
N LYS A 27 5.80 5.54 9.74
CA LYS A 27 5.89 6.66 8.81
C LYS A 27 5.19 6.34 7.49
N LEU A 28 5.30 5.08 7.06
CA LEU A 28 4.67 4.65 5.82
C LEU A 28 3.19 5.03 5.80
N ALA A 29 2.51 4.81 6.92
CA ALA A 29 1.10 5.12 7.02
C ALA A 29 0.83 6.58 6.67
N ARG A 30 1.75 7.45 7.08
CA ARG A 30 1.61 8.88 6.80
C ARG A 30 1.81 9.17 5.32
N HIS A 31 2.57 8.32 4.65
CA HIS A 31 2.84 8.49 3.23
C HIS A 31 1.62 8.13 2.40
N GLN A 32 0.89 7.10 2.84
CA GLN A 32 -0.31 6.66 2.13
C GLN A 32 -1.33 7.79 2.01
N ARG A 33 -1.22 8.77 2.90
CA ARG A 33 -2.13 9.90 2.91
C ARG A 33 -2.21 10.54 1.52
N VAL A 34 -1.04 10.76 0.91
CA VAL A 34 -0.97 11.37 -0.41
C VAL A 34 -1.87 10.63 -1.40
N HIS A 35 -2.04 9.33 -1.17
CA HIS A 35 -2.88 8.50 -2.04
C HIS A 35 -4.30 8.43 -1.51
N THR A 36 -4.48 7.72 -0.39
CA THR A 36 -5.78 7.57 0.22
C THR A 36 -6.03 8.63 1.29
N GLY A 37 -7.29 8.94 1.53
CA GLY A 37 -7.63 9.94 2.52
C GLY A 37 -9.12 10.21 2.59
N GLU A 38 -9.63 10.95 1.61
CA GLU A 38 -11.05 11.29 1.56
C GLU A 38 -11.89 10.05 1.26
N LYS A 39 -12.82 9.74 2.15
CA LYS A 39 -13.69 8.58 1.99
C LYS A 39 -14.76 8.54 3.08
N PRO A 40 -15.69 9.50 3.03
CA PRO A 40 -16.79 9.59 3.99
C PRO A 40 -17.79 8.46 3.85
N SER A 41 -18.87 8.53 4.62
CA SER A 41 -19.91 7.49 4.58
C SER A 41 -20.71 7.59 3.28
N GLY A 42 -21.28 8.77 3.03
CA GLY A 42 -22.07 8.97 1.82
C GLY A 42 -21.84 10.33 1.21
N PRO A 43 -22.49 10.58 0.06
CA PRO A 43 -22.37 11.86 -0.66
C PRO A 43 -23.04 13.01 0.09
N SER A 44 -23.97 12.67 0.98
CA SER A 44 -24.70 13.67 1.75
C SER A 44 -23.72 14.58 2.50
N SER A 45 -22.85 13.98 3.30
CA SER A 45 -21.87 14.73 4.07
C SER A 45 -20.71 15.18 3.19
N GLY A 46 -20.94 16.23 2.41
CA GLY A 46 -19.91 16.73 1.53
C GLY A 46 -20.46 17.22 0.21
ZN ZN B . 3.21 6.20 -2.26
N GLY A 1 -6.83 -15.36 -23.18
CA GLY A 1 -5.65 -15.31 -22.34
C GLY A 1 -5.52 -14.00 -21.60
N SER A 2 -6.30 -13.83 -20.54
CA SER A 2 -6.25 -12.60 -19.75
C SER A 2 -6.11 -12.91 -18.26
N SER A 3 -6.89 -13.88 -17.79
CA SER A 3 -6.86 -14.27 -16.39
C SER A 3 -5.67 -15.19 -16.11
N GLY A 4 -5.45 -15.51 -14.84
CA GLY A 4 -4.35 -16.38 -14.46
C GLY A 4 -3.07 -15.61 -14.20
N SER A 5 -3.21 -14.32 -13.92
CA SER A 5 -2.05 -13.47 -13.65
C SER A 5 -2.16 -12.83 -12.27
N SER A 6 -1.23 -13.19 -11.39
CA SER A 6 -1.22 -12.64 -10.03
C SER A 6 0.18 -12.71 -9.43
N GLY A 7 0.42 -11.92 -8.40
CA GLY A 7 1.72 -11.90 -7.75
C GLY A 7 2.45 -10.60 -7.96
N THR A 8 2.71 -9.87 -6.88
CA THR A 8 3.41 -8.60 -6.96
C THR A 8 4.92 -8.80 -6.90
N GLY A 9 5.36 -9.71 -6.04
CA GLY A 9 6.78 -9.98 -5.90
C GLY A 9 7.41 -9.21 -4.76
N GLY A 10 7.03 -9.57 -3.54
CA GLY A 10 7.57 -8.89 -2.37
C GLY A 10 6.81 -7.62 -2.03
N LYS A 11 7.45 -6.72 -1.30
CA LYS A 11 6.84 -5.46 -0.90
C LYS A 11 5.51 -5.71 -0.21
N PRO A 12 5.57 -6.27 1.00
CA PRO A 12 4.38 -6.57 1.81
C PRO A 12 3.69 -5.31 2.32
N TYR A 13 4.49 -4.38 2.84
CA TYR A 13 3.95 -3.13 3.36
C TYR A 13 4.36 -1.95 2.48
N GLN A 14 5.49 -2.10 1.78
CA GLN A 14 5.99 -1.05 0.91
C GLN A 14 4.90 -0.58 -0.05
N CYS A 15 4.69 0.73 -0.12
CA CYS A 15 3.68 1.30 -1.01
C CYS A 15 3.86 0.79 -2.43
N ASN A 16 2.75 0.36 -3.03
CA ASN A 16 2.78 -0.15 -4.40
C ASN A 16 2.17 0.85 -5.37
N GLU A 17 1.27 1.69 -4.86
CA GLU A 17 0.61 2.69 -5.67
C GLU A 17 1.63 3.53 -6.45
N CYS A 18 2.68 3.96 -5.76
CA CYS A 18 3.73 4.77 -6.37
C CYS A 18 5.06 4.02 -6.35
N GLY A 19 5.22 3.11 -5.39
CA GLY A 19 6.46 2.35 -5.28
C GLY A 19 7.48 3.03 -4.40
N LYS A 20 7.16 3.15 -3.12
CA LYS A 20 8.06 3.79 -2.16
C LYS A 20 8.10 3.00 -0.85
N ALA A 21 9.32 2.76 -0.35
CA ALA A 21 9.49 2.04 0.90
C ALA A 21 10.08 2.92 1.99
N PHE A 22 9.79 2.59 3.23
CA PHE A 22 10.29 3.36 4.37
C PHE A 22 10.99 2.45 5.38
N SER A 23 11.61 3.07 6.38
CA SER A 23 12.33 2.33 7.41
C SER A 23 11.37 1.42 8.18
N GLN A 24 10.17 1.92 8.46
CA GLN A 24 9.16 1.15 9.19
C GLN A 24 7.77 1.45 8.66
N THR A 25 6.77 0.85 9.27
CA THR A 25 5.38 1.04 8.86
C THR A 25 4.77 2.26 9.54
N SER A 26 5.30 2.61 10.71
CA SER A 26 4.80 3.75 11.46
C SER A 26 4.76 5.00 10.58
N LYS A 27 5.85 5.23 9.84
CA LYS A 27 5.94 6.38 8.97
C LYS A 27 5.19 6.14 7.66
N LEU A 28 5.19 4.89 7.21
CA LEU A 28 4.50 4.52 5.97
C LEU A 28 3.04 4.93 6.02
N ALA A 29 2.41 4.74 7.18
CA ALA A 29 1.01 5.10 7.36
C ALA A 29 0.75 6.56 6.97
N ARG A 30 1.74 7.40 7.22
CA ARG A 30 1.63 8.82 6.88
C ARG A 30 1.76 9.05 5.39
N HIS A 31 2.58 8.24 4.74
CA HIS A 31 2.80 8.35 3.29
C HIS A 31 1.51 8.03 2.53
N GLN A 32 0.68 7.18 3.12
CA GLN A 32 -0.59 6.79 2.50
C GLN A 32 -1.46 8.01 2.23
N ARG A 33 -1.21 9.09 2.97
CA ARG A 33 -1.98 10.32 2.81
C ARG A 33 -2.01 10.75 1.35
N VAL A 34 -0.85 10.75 0.70
CA VAL A 34 -0.74 11.15 -0.68
C VAL A 34 -1.73 10.38 -1.56
N HIS A 35 -2.07 9.17 -1.12
CA HIS A 35 -3.01 8.33 -1.86
C HIS A 35 -4.37 8.31 -1.17
N THR A 36 -4.95 9.48 -0.99
CA THR A 36 -6.24 9.61 -0.34
C THR A 36 -7.29 10.16 -1.30
N GLY A 37 -8.28 9.34 -1.63
CA GLY A 37 -9.34 9.77 -2.54
C GLY A 37 -10.45 8.74 -2.66
N GLU A 38 -11.39 8.79 -1.72
CA GLU A 38 -12.51 7.86 -1.72
C GLU A 38 -13.62 8.34 -2.66
N LYS A 39 -13.32 8.37 -3.96
CA LYS A 39 -14.28 8.81 -4.94
C LYS A 39 -13.83 8.45 -6.35
N PRO A 40 -13.83 7.15 -6.66
CA PRO A 40 -13.40 6.64 -7.96
C PRO A 40 -14.40 6.99 -9.07
N SER A 41 -15.68 7.00 -8.72
CA SER A 41 -16.73 7.32 -9.68
C SER A 41 -16.76 6.30 -10.81
N GLY A 42 -16.70 5.03 -10.45
CA GLY A 42 -16.72 3.97 -11.46
C GLY A 42 -16.17 2.66 -10.92
N PRO A 43 -16.27 1.60 -11.74
CA PRO A 43 -15.79 0.27 -11.36
C PRO A 43 -14.27 0.20 -11.30
N SER A 44 -13.71 0.55 -10.15
CA SER A 44 -12.27 0.53 -9.95
C SER A 44 -11.81 -0.81 -9.39
N SER A 45 -10.64 -1.26 -9.82
CA SER A 45 -10.09 -2.54 -9.36
C SER A 45 -8.84 -2.32 -8.51
N GLY A 46 -8.70 -3.13 -7.47
CA GLY A 46 -7.55 -3.00 -6.59
C GLY A 46 -7.62 -1.79 -5.70
ZN ZN B . 3.03 5.95 -2.36
N GLY A 1 12.92 -33.00 -4.43
CA GLY A 1 12.35 -31.77 -4.94
C GLY A 1 13.19 -31.17 -6.05
N SER A 2 12.77 -30.00 -6.54
CA SER A 2 13.48 -29.32 -7.62
C SER A 2 13.96 -27.94 -7.17
N SER A 3 15.27 -27.75 -7.16
CA SER A 3 15.86 -26.48 -6.76
C SER A 3 15.77 -25.46 -7.88
N GLY A 4 14.88 -24.50 -7.73
CA GLY A 4 14.72 -23.47 -8.75
C GLY A 4 13.48 -22.63 -8.53
N SER A 5 13.25 -22.22 -7.27
CA SER A 5 12.10 -21.41 -6.93
C SER A 5 12.47 -19.94 -6.80
N SER A 6 11.63 -19.06 -7.32
CA SER A 6 11.88 -17.62 -7.27
C SER A 6 11.70 -17.10 -5.85
N GLY A 7 12.80 -17.05 -5.10
CA GLY A 7 12.75 -16.56 -3.73
C GLY A 7 13.34 -15.18 -3.59
N THR A 8 12.81 -14.23 -4.36
CA THR A 8 13.29 -12.86 -4.31
C THR A 8 12.16 -11.86 -4.54
N GLY A 9 12.29 -10.68 -3.96
CA GLY A 9 11.26 -9.66 -4.12
C GLY A 9 10.23 -9.71 -3.02
N GLY A 10 9.42 -8.66 -2.92
CA GLY A 10 8.38 -8.61 -1.90
C GLY A 10 8.04 -7.19 -1.49
N LYS A 11 6.75 -6.92 -1.30
CA LYS A 11 6.30 -5.59 -0.91
C LYS A 11 4.92 -5.66 -0.24
N PRO A 12 4.88 -6.24 0.97
CA PRO A 12 3.63 -6.38 1.73
C PRO A 12 3.11 -5.03 2.23
N TYR A 13 4.00 -4.24 2.81
CA TYR A 13 3.63 -2.93 3.33
C TYR A 13 4.16 -1.81 2.45
N GLN A 14 5.27 -2.09 1.76
CA GLN A 14 5.88 -1.11 0.87
C GLN A 14 4.86 -0.53 -0.10
N CYS A 15 4.78 0.80 -0.14
CA CYS A 15 3.84 1.47 -1.03
C CYS A 15 3.99 0.97 -2.46
N ASN A 16 2.88 0.51 -3.04
CA ASN A 16 2.89 0.01 -4.41
C ASN A 16 2.32 1.04 -5.38
N GLU A 17 1.47 1.91 -4.86
CA GLU A 17 0.85 2.95 -5.67
C GLU A 17 1.90 3.74 -6.44
N CYS A 18 2.97 4.11 -5.74
CA CYS A 18 4.06 4.88 -6.37
C CYS A 18 5.35 4.08 -6.35
N GLY A 19 5.48 3.16 -5.38
CA GLY A 19 6.67 2.36 -5.28
C GLY A 19 7.72 2.98 -4.39
N LYS A 20 7.38 3.18 -3.12
CA LYS A 20 8.30 3.78 -2.16
C LYS A 20 8.29 3.01 -0.84
N ALA A 21 9.48 2.69 -0.35
CA ALA A 21 9.61 1.95 0.91
C ALA A 21 10.16 2.85 2.01
N PHE A 22 9.82 2.52 3.26
CA PHE A 22 10.28 3.30 4.40
C PHE A 22 10.93 2.39 5.45
N SER A 23 11.64 3.01 6.39
CA SER A 23 12.31 2.26 7.44
C SER A 23 11.30 1.51 8.31
N GLN A 24 10.24 2.19 8.69
CA GLN A 24 9.20 1.59 9.53
C GLN A 24 7.82 1.76 8.89
N THR A 25 6.85 1.00 9.39
CA THR A 25 5.49 1.07 8.86
C THR A 25 4.76 2.31 9.36
N SER A 26 5.20 2.83 10.50
CA SER A 26 4.59 4.02 11.08
C SER A 26 4.58 5.17 10.09
N LYS A 27 5.77 5.67 9.75
CA LYS A 27 5.90 6.77 8.81
C LYS A 27 5.23 6.43 7.47
N LEU A 28 5.32 5.16 7.08
CA LEU A 28 4.72 4.70 5.84
C LEU A 28 3.23 4.98 5.81
N ALA A 29 2.55 4.66 6.92
CA ALA A 29 1.12 4.89 7.04
C ALA A 29 0.76 6.33 6.71
N ARG A 30 1.66 7.25 7.05
CA ARG A 30 1.43 8.66 6.79
C ARG A 30 1.62 8.99 5.32
N HIS A 31 2.47 8.22 4.65
CA HIS A 31 2.73 8.43 3.22
C HIS A 31 1.52 8.04 2.39
N GLN A 32 0.79 7.03 2.82
CA GLN A 32 -0.40 6.57 2.11
C GLN A 32 -1.43 7.69 1.99
N ARG A 33 -1.33 8.68 2.88
CA ARG A 33 -2.25 9.80 2.87
C ARG A 33 -2.31 10.44 1.48
N VAL A 34 -1.16 10.71 0.89
CA VAL A 34 -1.09 11.30 -0.43
C VAL A 34 -1.90 10.50 -1.45
N HIS A 35 -2.05 9.20 -1.18
CA HIS A 35 -2.80 8.32 -2.06
C HIS A 35 -4.26 8.23 -1.64
N THR A 36 -4.50 8.45 -0.34
CA THR A 36 -5.85 8.39 0.19
C THR A 36 -6.00 9.32 1.40
N GLY A 37 -6.80 10.37 1.24
CA GLY A 37 -7.01 11.31 2.33
C GLY A 37 -7.30 12.71 1.83
N GLU A 38 -7.06 13.71 2.69
CA GLU A 38 -7.31 15.10 2.33
C GLU A 38 -8.76 15.32 1.95
N LYS A 39 -9.67 14.72 2.74
CA LYS A 39 -11.09 14.85 2.50
C LYS A 39 -11.90 14.36 3.69
N PRO A 40 -11.81 15.11 4.80
CA PRO A 40 -12.53 14.77 6.04
C PRO A 40 -14.04 14.95 5.91
N SER A 41 -14.44 15.89 5.05
CA SER A 41 -15.86 16.16 4.84
C SER A 41 -16.49 15.09 3.95
N GLY A 42 -17.62 14.54 4.42
CA GLY A 42 -18.30 13.51 3.65
C GLY A 42 -19.80 13.70 3.65
N PRO A 43 -20.28 14.68 2.87
CA PRO A 43 -21.72 14.98 2.77
C PRO A 43 -22.48 13.89 2.03
N SER A 44 -21.80 13.19 1.14
CA SER A 44 -22.42 12.12 0.36
C SER A 44 -21.43 10.99 0.10
N SER A 45 -21.86 9.76 0.38
CA SER A 45 -21.01 8.59 0.17
C SER A 45 -21.75 7.51 -0.62
N GLY A 46 -21.24 7.23 -1.81
CA GLY A 46 -21.86 6.21 -2.65
C GLY A 46 -21.73 4.82 -2.06
ZN ZN B . 3.30 6.14 -2.26
N GLY A 1 -3.11 -18.88 -19.66
CA GLY A 1 -1.97 -18.39 -18.91
C GLY A 1 -2.28 -18.19 -17.44
N SER A 2 -1.88 -19.16 -16.62
CA SER A 2 -2.13 -19.08 -15.19
C SER A 2 -0.82 -19.02 -14.41
N SER A 3 -0.75 -18.11 -13.44
CA SER A 3 0.44 -17.94 -12.63
C SER A 3 0.09 -17.87 -11.15
N GLY A 4 1.11 -17.89 -10.30
CA GLY A 4 0.89 -17.83 -8.87
C GLY A 4 1.97 -17.05 -8.15
N SER A 5 1.74 -16.79 -6.86
CA SER A 5 2.70 -16.03 -6.06
C SER A 5 3.65 -16.98 -5.31
N SER A 6 4.95 -16.84 -5.58
CA SER A 6 5.95 -17.68 -4.94
C SER A 6 6.62 -16.94 -3.79
N GLY A 7 5.98 -16.93 -2.63
CA GLY A 7 6.54 -16.25 -1.48
C GLY A 7 5.75 -15.00 -1.10
N THR A 8 5.60 -14.10 -2.06
CA THR A 8 4.88 -12.85 -1.82
C THR A 8 5.53 -12.03 -0.73
N GLY A 9 6.86 -12.14 -0.62
CA GLY A 9 7.58 -11.40 0.39
C GLY A 9 8.45 -10.31 -0.19
N GLY A 10 7.88 -9.54 -1.12
CA GLY A 10 8.62 -8.47 -1.75
C GLY A 10 8.19 -7.10 -1.25
N LYS A 11 6.93 -6.77 -1.47
CA LYS A 11 6.39 -5.48 -1.03
C LYS A 11 5.05 -5.66 -0.32
N PRO A 12 5.11 -6.24 0.89
CA PRO A 12 3.91 -6.47 1.70
C PRO A 12 3.30 -5.19 2.24
N TYR A 13 4.16 -4.31 2.78
CA TYR A 13 3.71 -3.04 3.32
C TYR A 13 4.20 -1.88 2.46
N GLN A 14 5.32 -2.09 1.78
CA GLN A 14 5.88 -1.05 0.92
C GLN A 14 4.84 -0.50 -0.04
N CYS A 15 4.73 0.83 -0.09
CA CYS A 15 3.77 1.48 -0.97
C CYS A 15 3.91 0.98 -2.40
N ASN A 16 2.80 0.53 -2.98
CA ASN A 16 2.79 0.01 -4.34
C ASN A 16 2.24 1.05 -5.31
N GLU A 17 1.39 1.94 -4.80
CA GLU A 17 0.80 2.99 -5.61
C GLU A 17 1.86 3.76 -6.39
N CYS A 18 2.94 4.12 -5.69
CA CYS A 18 4.02 4.86 -6.30
C CYS A 18 5.32 4.04 -6.30
N GLY A 19 5.42 3.12 -5.36
CA GLY A 19 6.59 2.27 -5.27
C GLY A 19 7.66 2.86 -4.37
N LYS A 20 7.30 3.13 -3.12
CA LYS A 20 8.24 3.70 -2.16
C LYS A 20 8.21 2.92 -0.84
N ALA A 21 9.39 2.64 -0.30
CA ALA A 21 9.50 1.90 0.95
C ALA A 21 10.08 2.78 2.06
N PHE A 22 9.74 2.46 3.30
CA PHE A 22 10.23 3.22 4.44
C PHE A 22 10.88 2.30 5.48
N SER A 23 11.71 2.88 6.34
CA SER A 23 12.41 2.11 7.36
C SER A 23 11.41 1.41 8.27
N GLN A 24 10.25 2.01 8.45
CA GLN A 24 9.21 1.45 9.31
C GLN A 24 7.83 1.63 8.69
N THR A 25 6.82 1.08 9.33
CA THR A 25 5.44 1.18 8.84
C THR A 25 4.76 2.43 9.40
N SER A 26 5.21 2.88 10.56
CA SER A 26 4.63 4.06 11.20
C SER A 26 4.61 5.24 10.24
N LYS A 27 5.78 5.61 9.73
CA LYS A 27 5.89 6.73 8.79
C LYS A 27 5.21 6.39 7.47
N LEU A 28 5.21 5.11 7.11
CA LEU A 28 4.58 4.67 5.88
C LEU A 28 3.09 4.98 5.86
N ALA A 29 2.43 4.74 6.99
CA ALA A 29 1.01 5.01 7.11
C ALA A 29 0.69 6.45 6.78
N ARG A 30 1.60 7.35 7.10
CA ARG A 30 1.43 8.78 6.83
C ARG A 30 1.64 9.08 5.35
N HIS A 31 2.45 8.25 4.69
CA HIS A 31 2.75 8.43 3.28
C HIS A 31 1.52 8.12 2.43
N GLN A 32 0.75 7.13 2.85
CA GLN A 32 -0.46 6.73 2.13
C GLN A 32 -1.42 7.89 2.01
N ARG A 33 -1.29 8.87 2.90
CA ARG A 33 -2.16 10.04 2.88
C ARG A 33 -2.20 10.68 1.50
N VAL A 34 -1.02 10.86 0.91
CA VAL A 34 -0.91 11.46 -0.42
C VAL A 34 -1.76 10.70 -1.44
N HIS A 35 -1.96 9.41 -1.19
CA HIS A 35 -2.75 8.57 -2.07
C HIS A 35 -4.22 8.54 -1.63
N THR A 36 -4.48 7.83 -0.53
CA THR A 36 -5.84 7.72 0.00
C THR A 36 -6.16 8.88 0.94
N GLY A 37 -7.43 9.27 0.98
CA GLY A 37 -7.84 10.36 1.85
C GLY A 37 -9.28 10.22 2.30
N GLU A 38 -10.19 10.88 1.59
CA GLU A 38 -11.60 10.83 1.93
C GLU A 38 -12.10 9.39 1.97
N LYS A 39 -12.75 9.02 3.07
CA LYS A 39 -13.27 7.67 3.24
C LYS A 39 -14.16 7.57 4.47
N PRO A 40 -15.34 8.22 4.41
CA PRO A 40 -16.30 8.23 5.51
C PRO A 40 -16.96 6.86 5.72
N SER A 41 -17.64 6.70 6.84
CA SER A 41 -18.30 5.44 7.17
C SER A 41 -19.82 5.60 7.07
N GLY A 42 -20.41 4.98 6.05
CA GLY A 42 -21.84 5.07 5.87
C GLY A 42 -22.59 4.02 6.67
N PRO A 43 -22.49 2.75 6.24
CA PRO A 43 -23.15 1.62 6.91
C PRO A 43 -22.53 1.31 8.26
N SER A 44 -23.34 0.80 9.18
CA SER A 44 -22.87 0.46 10.52
C SER A 44 -21.85 -0.67 10.47
N SER A 45 -22.34 -1.89 10.21
CA SER A 45 -21.47 -3.05 10.14
C SER A 45 -20.74 -3.27 11.47
N GLY A 46 -21.47 -3.09 12.57
CA GLY A 46 -20.88 -3.27 13.89
C GLY A 46 -21.22 -4.62 14.49
ZN ZN B . 3.26 6.13 -2.24
N GLY A 1 -6.02 -28.88 5.28
CA GLY A 1 -5.63 -29.51 4.03
C GLY A 1 -6.53 -29.10 2.88
N SER A 2 -6.80 -27.81 2.77
CA SER A 2 -7.66 -27.30 1.71
C SER A 2 -6.86 -27.11 0.42
N SER A 3 -7.54 -26.59 -0.61
CA SER A 3 -6.90 -26.36 -1.90
C SER A 3 -6.14 -25.04 -1.90
N GLY A 4 -5.41 -24.78 -2.99
CA GLY A 4 -4.65 -23.54 -3.09
C GLY A 4 -3.41 -23.70 -3.95
N SER A 5 -2.79 -22.59 -4.28
CA SER A 5 -1.58 -22.61 -5.11
C SER A 5 -0.52 -21.65 -4.56
N SER A 6 0.70 -21.81 -5.03
CA SER A 6 1.81 -20.97 -4.57
C SER A 6 1.47 -19.48 -4.73
N GLY A 7 1.53 -18.75 -3.63
CA GLY A 7 1.22 -17.33 -3.65
C GLY A 7 2.45 -16.47 -3.42
N THR A 8 2.83 -15.71 -4.44
CA THR A 8 4.00 -14.84 -4.35
C THR A 8 3.68 -13.44 -4.88
N GLY A 9 4.59 -12.50 -4.63
CA GLY A 9 4.39 -11.14 -5.08
C GLY A 9 5.43 -10.19 -4.54
N GLY A 10 5.50 -10.07 -3.21
CA GLY A 10 6.46 -9.18 -2.60
C GLY A 10 5.86 -7.83 -2.25
N LYS A 11 6.64 -7.00 -1.56
CA LYS A 11 6.19 -5.68 -1.16
C LYS A 11 4.86 -5.76 -0.41
N PRO A 12 4.91 -6.32 0.81
CA PRO A 12 3.73 -6.47 1.66
C PRO A 12 3.22 -5.13 2.18
N TYR A 13 4.13 -4.33 2.72
CA TYR A 13 3.77 -3.02 3.26
C TYR A 13 4.30 -1.89 2.37
N GLN A 14 5.40 -2.18 1.68
CA GLN A 14 6.01 -1.19 0.79
C GLN A 14 4.99 -0.62 -0.18
N CYS A 15 4.84 0.70 -0.16
CA CYS A 15 3.88 1.38 -1.05
C CYS A 15 4.09 0.94 -2.49
N ASN A 16 3.05 0.36 -3.09
CA ASN A 16 3.12 -0.09 -4.47
C ASN A 16 2.51 0.94 -5.41
N GLU A 17 1.59 1.74 -4.89
CA GLU A 17 0.93 2.77 -5.69
C GLU A 17 1.95 3.66 -6.40
N CYS A 18 2.98 4.05 -5.66
CA CYS A 18 4.03 4.90 -6.22
C CYS A 18 5.38 4.16 -6.23
N GLY A 19 5.53 3.21 -5.32
CA GLY A 19 6.77 2.45 -5.24
C GLY A 19 7.76 3.08 -4.29
N LYS A 20 7.36 3.25 -3.03
CA LYS A 20 8.24 3.83 -2.03
C LYS A 20 8.27 2.98 -0.77
N ALA A 21 9.47 2.72 -0.26
CA ALA A 21 9.63 1.92 0.95
C ALA A 21 10.13 2.77 2.11
N PHE A 22 9.63 2.47 3.31
CA PHE A 22 10.03 3.21 4.50
C PHE A 22 10.69 2.28 5.52
N SER A 23 11.61 2.84 6.31
CA SER A 23 12.32 2.06 7.32
C SER A 23 11.34 1.44 8.31
N GLN A 24 10.22 2.13 8.54
CA GLN A 24 9.21 1.64 9.47
C GLN A 24 7.80 1.97 8.97
N THR A 25 6.88 1.05 9.18
CA THR A 25 5.50 1.23 8.74
C THR A 25 4.89 2.48 9.37
N SER A 26 5.41 2.87 10.52
CA SER A 26 4.92 4.05 11.23
C SER A 26 4.89 5.27 10.30
N LYS A 27 5.98 5.46 9.57
CA LYS A 27 6.08 6.59 8.64
C LYS A 27 5.32 6.31 7.36
N LEU A 28 5.19 5.03 7.01
CA LEU A 28 4.48 4.62 5.80
C LEU A 28 3.02 5.03 5.87
N ALA A 29 2.42 4.90 7.06
CA ALA A 29 1.03 5.26 7.26
C ALA A 29 0.76 6.70 6.83
N ARG A 30 1.63 7.60 7.26
CA ARG A 30 1.49 9.02 6.92
C ARG A 30 1.67 9.24 5.43
N HIS A 31 2.48 8.40 4.80
CA HIS A 31 2.74 8.50 3.37
C HIS A 31 1.51 8.07 2.57
N GLN A 32 0.78 7.08 3.08
CA GLN A 32 -0.41 6.58 2.41
C GLN A 32 -1.44 7.70 2.22
N ARG A 33 -1.33 8.74 3.03
CA ARG A 33 -2.24 9.86 2.96
C ARG A 33 -2.33 10.40 1.53
N VAL A 34 -1.18 10.52 0.88
CA VAL A 34 -1.12 11.02 -0.49
C VAL A 34 -1.99 10.17 -1.42
N HIS A 35 -2.13 8.90 -1.08
CA HIS A 35 -2.94 7.98 -1.87
C HIS A 35 -4.32 7.80 -1.26
N THR A 36 -4.90 8.90 -0.78
CA THR A 36 -6.22 8.85 -0.17
C THR A 36 -6.69 10.25 0.21
N GLY A 37 -8.01 10.41 0.35
CA GLY A 37 -8.56 11.70 0.71
C GLY A 37 -10.06 11.65 0.93
N GLU A 38 -10.79 12.51 0.23
CA GLU A 38 -12.25 12.56 0.35
C GLU A 38 -12.67 12.68 1.81
N LYS A 39 -11.93 13.50 2.56
CA LYS A 39 -12.22 13.72 3.97
C LYS A 39 -11.41 14.89 4.52
N PRO A 40 -11.75 16.11 4.09
CA PRO A 40 -11.07 17.33 4.53
C PRO A 40 -11.35 17.66 5.99
N SER A 41 -10.30 17.71 6.80
CA SER A 41 -10.44 18.00 8.22
C SER A 41 -10.28 19.50 8.48
N GLY A 42 -11.40 20.18 8.71
CA GLY A 42 -11.37 21.61 8.97
C GLY A 42 -10.78 21.94 10.33
N PRO A 43 -10.67 23.23 10.63
CA PRO A 43 -10.12 23.71 11.90
C PRO A 43 -11.06 23.44 13.07
N SER A 44 -10.56 23.66 14.28
CA SER A 44 -11.36 23.43 15.49
C SER A 44 -10.73 24.13 16.69
N SER A 45 -11.58 24.52 17.64
CA SER A 45 -11.11 25.19 18.84
C SER A 45 -10.28 24.26 19.71
N GLY A 46 -9.02 24.62 19.94
CA GLY A 46 -8.15 23.80 20.75
C GLY A 46 -6.72 24.30 20.74
ZN ZN B . 3.23 6.08 -2.14
N GLY A 1 11.63 -31.95 -19.34
CA GLY A 1 10.92 -30.88 -18.68
C GLY A 1 11.67 -30.34 -17.48
N SER A 2 11.02 -29.43 -16.75
CA SER A 2 11.64 -28.83 -15.57
C SER A 2 10.58 -28.24 -14.64
N SER A 3 10.47 -28.82 -13.45
CA SER A 3 9.49 -28.36 -12.46
C SER A 3 10.18 -27.86 -11.21
N GLY A 4 9.82 -26.65 -10.78
CA GLY A 4 10.42 -26.07 -9.59
C GLY A 4 10.50 -24.56 -9.66
N SER A 5 9.51 -23.89 -9.08
CA SER A 5 9.47 -22.43 -9.08
C SER A 5 8.78 -21.91 -7.83
N SER A 6 9.27 -20.78 -7.32
CA SER A 6 8.70 -20.18 -6.12
C SER A 6 8.92 -18.66 -6.12
N GLY A 7 7.82 -17.92 -6.25
CA GLY A 7 7.91 -16.47 -6.27
C GLY A 7 6.55 -15.81 -6.07
N THR A 8 5.89 -16.16 -4.97
CA THR A 8 4.58 -15.60 -4.67
C THR A 8 4.65 -14.67 -3.45
N GLY A 9 4.65 -13.37 -3.71
CA GLY A 9 4.71 -12.40 -2.63
C GLY A 9 5.77 -11.34 -2.86
N GLY A 10 5.40 -10.09 -2.64
CA GLY A 10 6.34 -9.00 -2.83
C GLY A 10 5.77 -7.66 -2.40
N LYS A 11 6.53 -6.92 -1.61
CA LYS A 11 6.10 -5.61 -1.14
C LYS A 11 4.78 -5.72 -0.37
N PRO A 12 4.84 -6.32 0.83
CA PRO A 12 3.67 -6.50 1.70
C PRO A 12 3.16 -5.17 2.26
N TYR A 13 4.08 -4.35 2.76
CA TYR A 13 3.73 -3.06 3.34
C TYR A 13 4.24 -1.92 2.47
N GLN A 14 5.32 -2.17 1.75
CA GLN A 14 5.92 -1.17 0.88
C GLN A 14 4.88 -0.57 -0.06
N CYS A 15 4.82 0.76 -0.09
CA CYS A 15 3.86 1.45 -0.95
C CYS A 15 3.95 0.95 -2.39
N ASN A 16 2.81 0.57 -2.95
CA ASN A 16 2.76 0.08 -4.32
C ASN A 16 2.20 1.14 -5.27
N GLU A 17 1.38 2.04 -4.72
CA GLU A 17 0.77 3.10 -5.51
C GLU A 17 1.84 3.86 -6.30
N CYS A 18 2.91 4.24 -5.62
CA CYS A 18 4.00 4.98 -6.25
C CYS A 18 5.28 4.14 -6.28
N GLY A 19 5.40 3.22 -5.33
CA GLY A 19 6.57 2.37 -5.26
C GLY A 19 7.66 2.95 -4.38
N LYS A 20 7.31 3.26 -3.14
CA LYS A 20 8.25 3.83 -2.19
C LYS A 20 8.27 3.04 -0.90
N ALA A 21 9.47 2.82 -0.35
CA ALA A 21 9.62 2.08 0.90
C ALA A 21 10.17 2.96 2.00
N PHE A 22 9.84 2.64 3.24
CA PHE A 22 10.31 3.41 4.39
C PHE A 22 10.96 2.49 5.43
N SER A 23 11.65 3.10 6.39
CA SER A 23 12.32 2.35 7.44
C SER A 23 11.30 1.55 8.26
N GLN A 24 10.29 2.23 8.77
CA GLN A 24 9.26 1.59 9.57
C GLN A 24 7.88 1.80 8.95
N THR A 25 6.91 0.99 9.39
CA THR A 25 5.55 1.09 8.88
C THR A 25 4.83 2.31 9.46
N SER A 26 5.27 2.74 10.63
CA SER A 26 4.66 3.89 11.29
C SER A 26 4.63 5.10 10.36
N LYS A 27 5.80 5.48 9.86
CA LYS A 27 5.90 6.62 8.95
C LYS A 27 5.27 6.30 7.60
N LEU A 28 5.37 5.04 7.20
CA LEU A 28 4.80 4.61 5.92
C LEU A 28 3.32 4.95 5.84
N ALA A 29 2.60 4.72 6.94
CA ALA A 29 1.17 5.01 6.99
C ALA A 29 0.89 6.46 6.60
N ARG A 30 1.68 7.38 7.14
CA ARG A 30 1.52 8.80 6.85
C ARG A 30 1.69 9.07 5.36
N HIS A 31 2.58 8.33 4.72
CA HIS A 31 2.83 8.49 3.29
C HIS A 31 1.62 8.07 2.48
N GLN A 32 0.89 7.07 2.98
CA GLN A 32 -0.29 6.56 2.30
C GLN A 32 -1.32 7.67 2.11
N ARG A 33 -1.22 8.72 2.93
CA ARG A 33 -2.15 9.83 2.85
C ARG A 33 -2.23 10.38 1.42
N VAL A 34 -1.08 10.46 0.76
CA VAL A 34 -1.01 10.96 -0.61
C VAL A 34 -1.88 10.11 -1.54
N HIS A 35 -2.02 8.84 -1.21
CA HIS A 35 -2.82 7.91 -2.02
C HIS A 35 -4.19 7.69 -1.38
N THR A 36 -4.76 8.74 -0.81
CA THR A 36 -6.07 8.66 -0.16
C THR A 36 -6.80 9.99 -0.24
N GLY A 37 -8.12 9.92 -0.30
CA GLY A 37 -8.93 11.13 -0.37
C GLY A 37 -9.63 11.29 -1.70
N GLU A 38 -9.87 10.16 -2.38
CA GLU A 38 -10.54 10.18 -3.68
C GLU A 38 -11.93 9.55 -3.59
N LYS A 39 -12.68 9.93 -2.57
CA LYS A 39 -14.02 9.41 -2.38
C LYS A 39 -14.71 10.10 -1.20
N PRO A 40 -15.11 11.36 -1.40
CA PRO A 40 -15.79 12.15 -0.36
C PRO A 40 -17.20 11.64 -0.06
N SER A 41 -17.46 11.34 1.20
CA SER A 41 -18.76 10.84 1.61
C SER A 41 -19.75 11.99 1.78
N GLY A 42 -20.14 12.61 0.67
CA GLY A 42 -21.08 13.71 0.72
C GLY A 42 -21.38 14.27 -0.65
N PRO A 43 -22.30 15.25 -0.72
CA PRO A 43 -22.69 15.89 -1.97
C PRO A 43 -21.58 16.78 -2.54
N SER A 44 -21.83 17.31 -3.73
CA SER A 44 -20.86 18.17 -4.39
C SER A 44 -20.97 19.61 -3.89
N SER A 45 -20.04 20.45 -4.31
CA SER A 45 -20.03 21.85 -3.91
C SER A 45 -20.64 22.74 -5.00
N GLY A 46 -21.51 23.65 -4.57
CA GLY A 46 -22.16 24.55 -5.52
C GLY A 46 -21.46 25.89 -5.62
ZN ZN B . 3.37 6.13 -2.18
N GLY A 1 -12.48 -21.63 -13.23
CA GLY A 1 -11.45 -22.15 -12.33
C GLY A 1 -10.07 -21.65 -12.69
N SER A 2 -9.83 -20.37 -12.45
CA SER A 2 -8.52 -19.77 -12.74
C SER A 2 -7.62 -19.79 -11.52
N SER A 3 -7.42 -20.98 -10.96
CA SER A 3 -6.58 -21.14 -9.78
C SER A 3 -5.11 -20.99 -10.13
N GLY A 4 -4.30 -20.63 -9.15
CA GLY A 4 -2.88 -20.47 -9.38
C GLY A 4 -2.30 -19.29 -8.60
N SER A 5 -1.28 -18.65 -9.18
CA SER A 5 -0.64 -17.51 -8.53
C SER A 5 -0.26 -16.45 -9.56
N SER A 6 -0.16 -15.20 -9.11
CA SER A 6 0.19 -14.09 -9.99
C SER A 6 1.71 -13.95 -10.10
N GLY A 7 2.39 -14.17 -8.97
CA GLY A 7 3.84 -14.06 -8.97
C GLY A 7 4.39 -13.87 -7.57
N THR A 8 5.70 -13.66 -7.47
CA THR A 8 6.36 -13.48 -6.18
C THR A 8 6.55 -12.00 -5.88
N GLY A 9 5.64 -11.44 -5.07
CA GLY A 9 5.73 -10.04 -4.71
C GLY A 9 6.33 -9.82 -3.35
N GLY A 10 7.35 -8.97 -3.27
CA GLY A 10 8.00 -8.69 -2.00
C GLY A 10 7.68 -7.30 -1.47
N LYS A 11 6.43 -6.88 -1.67
CA LYS A 11 6.00 -5.56 -1.21
C LYS A 11 4.71 -5.68 -0.39
N PRO A 12 4.84 -6.23 0.82
CA PRO A 12 3.70 -6.40 1.73
C PRO A 12 3.18 -5.07 2.28
N TYR A 13 4.10 -4.22 2.72
CA TYR A 13 3.74 -2.91 3.26
C TYR A 13 4.26 -1.79 2.38
N GLN A 14 5.37 -2.06 1.67
CA GLN A 14 5.96 -1.07 0.79
C GLN A 14 4.92 -0.50 -0.17
N CYS A 15 4.82 0.83 -0.20
CA CYS A 15 3.86 1.50 -1.08
C CYS A 15 4.01 1.02 -2.51
N ASN A 16 2.95 0.43 -3.05
CA ASN A 16 2.97 -0.07 -4.42
C ASN A 16 2.39 0.96 -5.39
N GLU A 17 1.52 1.83 -4.86
CA GLU A 17 0.90 2.86 -5.68
C GLU A 17 1.95 3.65 -6.45
N CYS A 18 2.94 4.16 -5.73
CA CYS A 18 4.01 4.95 -6.35
C CYS A 18 5.32 4.17 -6.35
N GLY A 19 5.46 3.26 -5.40
CA GLY A 19 6.67 2.46 -5.31
C GLY A 19 7.69 3.05 -4.35
N LYS A 20 7.31 3.14 -3.08
CA LYS A 20 8.20 3.70 -2.06
C LYS A 20 8.23 2.80 -0.83
N ALA A 21 9.39 2.69 -0.21
CA ALA A 21 9.56 1.86 0.99
C ALA A 21 10.22 2.66 2.11
N PHE A 22 9.63 2.57 3.31
CA PHE A 22 10.17 3.28 4.47
C PHE A 22 10.75 2.30 5.48
N SER A 23 11.62 2.80 6.35
CA SER A 23 12.26 1.97 7.37
C SER A 23 11.22 1.36 8.29
N GLN A 24 10.26 2.16 8.73
CA GLN A 24 9.19 1.69 9.62
C GLN A 24 7.82 1.95 9.00
N THR A 25 6.87 1.07 9.31
CA THR A 25 5.51 1.20 8.80
C THR A 25 4.80 2.41 9.39
N SER A 26 5.25 2.83 10.58
CA SER A 26 4.66 3.98 11.25
C SER A 26 4.62 5.19 10.33
N LYS A 27 5.78 5.54 9.77
CA LYS A 27 5.89 6.68 8.87
C LYS A 27 5.19 6.39 7.55
N LEU A 28 5.27 5.14 7.09
CA LEU A 28 4.64 4.75 5.85
C LEU A 28 3.15 5.10 5.84
N ALA A 29 2.49 4.84 6.97
CA ALA A 29 1.06 5.14 7.09
C ALA A 29 0.78 6.59 6.74
N ARG A 30 1.71 7.47 7.09
CA ARG A 30 1.55 8.90 6.82
C ARG A 30 1.75 9.19 5.32
N HIS A 31 2.54 8.36 4.67
CA HIS A 31 2.81 8.53 3.24
C HIS A 31 1.58 8.17 2.41
N GLN A 32 0.84 7.17 2.87
CA GLN A 32 -0.36 6.72 2.16
C GLN A 32 -1.37 7.86 2.04
N ARG A 33 -1.24 8.85 2.92
CA ARG A 33 -2.15 9.99 2.91
C ARG A 33 -2.23 10.61 1.52
N VAL A 34 -1.08 10.74 0.87
CA VAL A 34 -1.03 11.31 -0.48
C VAL A 34 -1.90 10.53 -1.44
N HIS A 35 -2.05 9.24 -1.19
CA HIS A 35 -2.86 8.38 -2.05
C HIS A 35 -4.29 8.31 -1.53
N THR A 36 -4.48 7.61 -0.40
CA THR A 36 -5.80 7.47 0.20
C THR A 36 -6.13 8.65 1.09
N GLY A 37 -7.43 8.91 1.26
CA GLY A 37 -7.85 10.01 2.10
C GLY A 37 -9.34 10.30 1.97
N GLU A 38 -10.16 9.41 2.51
CA GLU A 38 -11.61 9.57 2.44
C GLU A 38 -12.03 10.94 2.95
N LYS A 39 -12.95 11.58 2.23
CA LYS A 39 -13.43 12.90 2.61
C LYS A 39 -14.59 13.33 1.72
N PRO A 40 -15.75 12.67 1.90
CA PRO A 40 -16.96 12.98 1.12
C PRO A 40 -17.55 14.34 1.48
N SER A 41 -17.68 14.61 2.78
CA SER A 41 -18.24 15.87 3.24
C SER A 41 -17.52 17.05 2.61
N GLY A 42 -16.20 16.93 2.46
CA GLY A 42 -15.42 17.99 1.86
C GLY A 42 -15.29 17.85 0.36
N PRO A 43 -14.67 18.85 -0.28
CA PRO A 43 -14.48 18.85 -1.74
C PRO A 43 -13.46 17.80 -2.19
N SER A 44 -13.49 17.47 -3.47
CA SER A 44 -12.57 16.48 -4.03
C SER A 44 -11.14 17.02 -4.06
N SER A 45 -10.20 16.19 -3.61
CA SER A 45 -8.79 16.58 -3.58
C SER A 45 -8.33 17.05 -4.95
N GLY A 46 -7.84 18.28 -5.01
CA GLY A 46 -7.36 18.83 -6.28
C GLY A 46 -7.65 20.31 -6.40
ZN ZN B . 3.26 6.19 -2.26
N GLY A 1 -2.85 -21.64 -3.04
CA GLY A 1 -4.08 -21.51 -3.81
C GLY A 1 -4.06 -20.34 -4.76
N SER A 2 -4.08 -19.13 -4.20
CA SER A 2 -4.06 -17.92 -5.02
C SER A 2 -2.64 -17.40 -5.20
N SER A 3 -2.24 -17.25 -6.46
CA SER A 3 -0.89 -16.76 -6.77
C SER A 3 -0.94 -15.32 -7.27
N GLY A 4 -0.83 -14.38 -6.33
CA GLY A 4 -0.86 -12.97 -6.70
C GLY A 4 0.30 -12.59 -7.60
N SER A 5 1.40 -12.14 -6.99
CA SER A 5 2.58 -11.74 -7.74
C SER A 5 3.44 -12.94 -8.10
N SER A 6 4.52 -12.70 -8.83
CA SER A 6 5.44 -13.75 -9.24
C SER A 6 6.84 -13.21 -9.49
N GLY A 7 7.83 -13.85 -8.87
CA GLY A 7 9.21 -13.42 -9.03
C GLY A 7 9.77 -12.79 -7.77
N THR A 8 11.01 -12.34 -7.84
CA THR A 8 11.66 -11.72 -6.69
C THR A 8 11.20 -10.27 -6.50
N GLY A 9 10.78 -9.95 -5.28
CA GLY A 9 10.31 -8.61 -5.00
C GLY A 9 9.09 -8.60 -4.10
N GLY A 10 9.30 -8.83 -2.81
CA GLY A 10 8.19 -8.84 -1.87
C GLY A 10 7.81 -7.45 -1.40
N LYS A 11 6.55 -7.08 -1.62
CA LYS A 11 6.06 -5.77 -1.22
C LYS A 11 4.84 -5.90 -0.30
N PRO A 12 5.07 -6.41 0.92
CA PRO A 12 4.01 -6.60 1.90
C PRO A 12 3.49 -5.27 2.45
N TYR A 13 4.41 -4.40 2.86
CA TYR A 13 4.04 -3.10 3.39
C TYR A 13 4.48 -1.98 2.46
N GLN A 14 5.51 -2.24 1.67
CA GLN A 14 6.02 -1.25 0.72
C GLN A 14 4.90 -0.69 -0.15
N CYS A 15 4.84 0.63 -0.27
CA CYS A 15 3.82 1.28 -1.07
C CYS A 15 3.99 0.95 -2.55
N ASN A 16 3.00 0.26 -3.11
CA ASN A 16 3.04 -0.12 -4.52
C ASN A 16 2.46 0.98 -5.40
N GLU A 17 1.59 1.80 -4.81
CA GLU A 17 0.95 2.89 -5.54
C GLU A 17 2.00 3.75 -6.25
N CYS A 18 3.09 4.05 -5.55
CA CYS A 18 4.16 4.86 -6.11
C CYS A 18 5.48 4.08 -6.14
N GLY A 19 5.65 3.21 -5.15
CA GLY A 19 6.87 2.42 -5.08
C GLY A 19 7.86 2.96 -4.07
N LYS A 20 7.35 3.42 -2.93
CA LYS A 20 8.20 3.96 -1.87
C LYS A 20 8.27 3.02 -0.68
N ALA A 21 9.49 2.65 -0.29
CA ALA A 21 9.69 1.75 0.84
C ALA A 21 10.36 2.48 2.00
N PHE A 22 9.67 2.54 3.13
CA PHE A 22 10.18 3.22 4.31
C PHE A 22 10.79 2.20 5.29
N SER A 23 11.80 2.62 6.02
CA SER A 23 12.47 1.75 6.98
C SER A 23 11.48 1.26 8.04
N GLN A 24 10.43 2.04 8.27
CA GLN A 24 9.41 1.68 9.25
C GLN A 24 8.02 1.88 8.68
N THR A 25 7.04 1.20 9.28
CA THR A 25 5.66 1.31 8.83
C THR A 25 4.98 2.54 9.42
N SER A 26 5.49 3.01 10.55
CA SER A 26 4.92 4.18 11.21
C SER A 26 4.82 5.35 10.25
N LYS A 27 5.90 5.61 9.52
CA LYS A 27 5.94 6.70 8.56
C LYS A 27 5.15 6.35 7.30
N LEU A 28 5.08 5.05 7.01
CA LEU A 28 4.35 4.58 5.83
C LEU A 28 2.86 4.89 5.95
N ALA A 29 2.34 4.79 7.17
CA ALA A 29 0.93 5.07 7.41
C ALA A 29 0.55 6.48 6.96
N ARG A 30 1.33 7.46 7.40
CA ARG A 30 1.08 8.85 7.04
C ARG A 30 1.29 9.06 5.53
N HIS A 31 2.20 8.29 4.95
CA HIS A 31 2.50 8.40 3.53
C HIS A 31 1.28 8.05 2.69
N GLN A 32 0.46 7.13 3.21
CA GLN A 32 -0.74 6.71 2.50
C GLN A 32 -1.67 7.89 2.24
N ARG A 33 -1.51 8.94 3.03
CA ARG A 33 -2.34 10.14 2.88
C ARG A 33 -2.33 10.64 1.43
N VAL A 34 -1.13 10.74 0.86
CA VAL A 34 -0.99 11.20 -0.52
C VAL A 34 -1.84 10.36 -1.47
N HIS A 35 -2.09 9.12 -1.08
CA HIS A 35 -2.88 8.21 -1.90
C HIS A 35 -4.29 8.08 -1.34
N THR A 36 -4.78 9.14 -0.72
CA THR A 36 -6.12 9.15 -0.14
C THR A 36 -6.99 10.22 -0.77
N GLY A 37 -8.24 9.87 -1.06
CA GLY A 37 -9.16 10.81 -1.67
C GLY A 37 -10.39 10.15 -2.26
N GLU A 38 -10.38 9.97 -3.57
CA GLU A 38 -11.51 9.34 -4.26
C GLU A 38 -11.02 8.25 -5.21
N LYS A 39 -11.65 7.08 -5.13
CA LYS A 39 -11.27 5.95 -5.97
C LYS A 39 -12.31 4.84 -5.87
N PRO A 40 -13.51 5.09 -6.39
CA PRO A 40 -14.61 4.12 -6.38
C PRO A 40 -14.35 2.94 -7.31
N SER A 41 -13.52 3.16 -8.32
CA SER A 41 -13.19 2.11 -9.28
C SER A 41 -14.45 1.56 -9.94
N GLY A 42 -15.48 2.39 -9.99
CA GLY A 42 -16.74 1.97 -10.60
C GLY A 42 -17.05 2.70 -11.89
N PRO A 43 -18.15 2.32 -12.54
CA PRO A 43 -18.57 2.94 -13.80
C PRO A 43 -19.05 4.38 -13.62
N SER A 44 -18.85 5.20 -14.64
CA SER A 44 -19.26 6.60 -14.59
C SER A 44 -20.76 6.74 -14.88
N SER A 45 -21.20 6.09 -15.95
CA SER A 45 -22.61 6.14 -16.33
C SER A 45 -22.98 4.93 -17.20
N GLY A 46 -24.18 4.41 -16.98
CA GLY A 46 -24.64 3.25 -17.74
C GLY A 46 -25.23 2.18 -16.86
ZN ZN B . 3.11 5.95 -2.05
N GLY A 1 -2.44 -29.25 -13.90
CA GLY A 1 -1.30 -28.48 -14.40
C GLY A 1 0.02 -29.01 -13.89
N SER A 2 1.11 -28.60 -14.55
CA SER A 2 2.44 -29.04 -14.17
C SER A 2 3.02 -28.15 -13.08
N SER A 3 2.87 -26.83 -13.25
CA SER A 3 3.38 -25.87 -12.29
C SER A 3 2.91 -24.46 -12.62
N GLY A 4 2.24 -23.82 -11.68
CA GLY A 4 1.75 -22.47 -11.89
C GLY A 4 1.83 -21.62 -10.65
N SER A 5 2.86 -20.78 -10.56
CA SER A 5 3.06 -19.92 -9.41
C SER A 5 3.94 -18.73 -9.76
N SER A 6 3.87 -17.68 -8.95
CA SER A 6 4.67 -16.48 -9.18
C SER A 6 4.93 -15.74 -7.87
N GLY A 7 6.01 -14.96 -7.85
CA GLY A 7 6.35 -14.21 -6.65
C GLY A 7 7.80 -13.73 -6.67
N THR A 8 7.98 -12.43 -6.50
CA THR A 8 9.32 -11.85 -6.49
C THR A 8 9.42 -10.72 -5.48
N GLY A 9 10.55 -10.65 -4.78
CA GLY A 9 10.75 -9.62 -3.78
C GLY A 9 9.77 -9.72 -2.64
N GLY A 10 8.78 -8.84 -2.62
CA GLY A 10 7.79 -8.85 -1.57
C GLY A 10 7.45 -7.46 -1.07
N LYS A 11 6.31 -6.94 -1.48
CA LYS A 11 5.87 -5.61 -1.07
C LYS A 11 4.55 -5.68 -0.32
N PRO A 12 4.59 -6.24 0.90
CA PRO A 12 3.41 -6.37 1.75
C PRO A 12 2.92 -5.03 2.29
N TYR A 13 3.85 -4.19 2.73
CA TYR A 13 3.52 -2.88 3.27
C TYR A 13 4.10 -1.77 2.39
N GLN A 14 5.19 -2.08 1.70
CA GLN A 14 5.85 -1.12 0.83
C GLN A 14 4.85 -0.50 -0.14
N CYS A 15 4.80 0.83 -0.15
CA CYS A 15 3.89 1.56 -1.04
C CYS A 15 4.04 1.07 -2.48
N ASN A 16 2.94 0.60 -3.06
CA ASN A 16 2.95 0.11 -4.43
C ASN A 16 2.38 1.16 -5.38
N GLU A 17 1.53 2.04 -4.86
CA GLU A 17 0.92 3.09 -5.66
C GLU A 17 1.98 3.88 -6.42
N CYS A 18 3.04 4.24 -5.72
CA CYS A 18 4.13 5.01 -6.32
C CYS A 18 5.43 4.21 -6.30
N GLY A 19 5.54 3.30 -5.35
CA GLY A 19 6.74 2.49 -5.25
C GLY A 19 7.76 3.08 -4.29
N LYS A 20 7.35 3.27 -3.05
CA LYS A 20 8.24 3.84 -2.04
C LYS A 20 8.29 2.94 -0.80
N ALA A 21 9.50 2.75 -0.26
CA ALA A 21 9.68 1.92 0.92
C ALA A 21 10.32 2.71 2.06
N PHE A 22 9.74 2.61 3.25
CA PHE A 22 10.25 3.32 4.41
C PHE A 22 10.91 2.35 5.39
N SER A 23 11.63 2.90 6.36
CA SER A 23 12.32 2.09 7.36
C SER A 23 11.32 1.43 8.31
N GLN A 24 10.18 2.09 8.51
CA GLN A 24 9.14 1.57 9.39
C GLN A 24 7.76 1.84 8.81
N THR A 25 6.77 1.10 9.30
CA THR A 25 5.39 1.25 8.83
C THR A 25 4.74 2.49 9.42
N SER A 26 5.21 2.90 10.59
CA SER A 26 4.67 4.07 11.27
C SER A 26 4.66 5.28 10.34
N LYS A 27 5.82 5.57 9.74
CA LYS A 27 5.96 6.69 8.84
C LYS A 27 5.29 6.40 7.50
N LEU A 28 5.27 5.11 7.12
CA LEU A 28 4.65 4.70 5.87
C LEU A 28 3.18 5.08 5.84
N ALA A 29 2.47 4.81 6.93
CA ALA A 29 1.06 5.12 7.03
C ALA A 29 0.79 6.60 6.72
N ARG A 30 1.76 7.45 7.06
CA ARG A 30 1.63 8.88 6.83
C ARG A 30 1.82 9.20 5.35
N HIS A 31 2.59 8.38 4.66
CA HIS A 31 2.84 8.57 3.24
C HIS A 31 1.63 8.18 2.40
N GLN A 32 0.94 7.13 2.85
CA GLN A 32 -0.25 6.64 2.14
C GLN A 32 -1.30 7.73 2.04
N ARG A 33 -1.22 8.73 2.93
CA ARG A 33 -2.17 9.83 2.94
C ARG A 33 -2.28 10.47 1.56
N VAL A 34 -1.14 10.63 0.89
CA VAL A 34 -1.11 11.22 -0.44
C VAL A 34 -1.95 10.41 -1.42
N HIS A 35 -2.03 9.10 -1.18
CA HIS A 35 -2.80 8.21 -2.05
C HIS A 35 -4.22 8.06 -1.54
N THR A 36 -4.38 7.35 -0.42
CA THR A 36 -5.70 7.13 0.16
C THR A 36 -6.10 8.29 1.06
N GLY A 37 -7.41 8.44 1.28
CA GLY A 37 -7.89 9.52 2.13
C GLY A 37 -8.20 10.77 1.34
N GLU A 38 -9.23 10.72 0.51
CA GLU A 38 -9.61 11.86 -0.31
C GLU A 38 -10.97 12.40 0.12
N LYS A 39 -10.96 13.30 1.11
CA LYS A 39 -12.19 13.90 1.60
C LYS A 39 -11.89 15.07 2.55
N PRO A 40 -11.37 16.16 1.97
CA PRO A 40 -11.03 17.37 2.73
C PRO A 40 -12.27 18.09 3.26
N SER A 41 -13.38 17.94 2.55
CA SER A 41 -14.62 18.60 2.93
C SER A 41 -15.09 18.09 4.29
N GLY A 42 -15.91 18.90 4.95
CA GLY A 42 -16.43 18.52 6.26
C GLY A 42 -17.86 18.02 6.19
N PRO A 43 -18.44 17.73 7.37
CA PRO A 43 -19.82 17.24 7.47
C PRO A 43 -20.84 18.30 7.10
N SER A 44 -20.42 19.56 7.12
CA SER A 44 -21.30 20.67 6.79
C SER A 44 -21.81 20.56 5.35
N SER A 45 -20.89 20.48 4.40
CA SER A 45 -21.23 20.37 2.99
C SER A 45 -21.17 18.92 2.53
N GLY A 46 -22.01 18.58 1.56
CA GLY A 46 -22.03 17.23 1.03
C GLY A 46 -22.27 17.18 -0.47
ZN ZN B . 3.36 6.24 -2.22
#